data_2DW1
#
_entry.id   2DW1
#
_cell.length_a   57.670
_cell.length_b   118.180
_cell.length_c   138.460
_cell.angle_alpha   90.00
_cell.angle_beta   90.00
_cell.angle_gamma   90.00
#
_symmetry.space_group_name_H-M   'P 21 21 21'
#
loop_
_entity.id
_entity.type
_entity.pdbx_description
1 polymer Catrocollastatin
2 branched alpha-D-mannopyranose-(1-4)-2-acetamido-2-deoxy-beta-D-glucopyranose-(1-4)-2-acetamido-2-deoxy-beta-D-glucopyranose
3 branched beta-D-mannopyranose-(1-4)-2-acetamido-2-deoxy-beta-D-glucopyranose-(1-4)-[alpha-L-fucopyranose-(1-6)]2-acetamido-2-deoxy-beta-D-glucopyranose
4 non-polymer 'CALCIUM ION'
5 non-polymer 'ZINC ION'
6 non-polymer 3-(N-HYDROXYCARBOXAMIDO)-2-ISOBUTYLPROPANOYL-TRP-METHYLAMIDE
7 water water
#
_entity_poly.entity_id   1
_entity_poly.type   'polypeptide(L)'
_entity_poly.pdbx_seq_one_letter_code
;HQKYNPFRFVELVLVVDKAMVTKNNGDLDKIKTRMYEIVNTVNEIYRYMYIHVALVGLEIWSNEDKITVKPEAGYTLNAF
GEWRKTDLLTRKKHDNAQLLTAIDLDRVIGLAYVGSMCHPKRSTGIIQDYSEINLVVAVIMAHEMGHNLGINHDSGYCSC
GDYACIMRPEISPEPSTFFSNCSYFECWDFIMNHNPECILNEPLGTDIISPPVCGNELLEVGEECDCGTPENCQNECCDA
ATCKLKSGSQCGHGDCCEQCKFSKSGTECRASMSECDPAEHCTGQSSECPADVFHKNGQPCLDNYGYCYNGNCPIMYHQC
YDLFGADVYEAEDSCFERNQKGNYYGYCRKENGNKIPCAPEDVKCGRLYCKDNSPGQNNPCKMFYSNEDEHKGMVLPGTK
CADGKVCSNGHCVDVATAY
;
_entity_poly.pdbx_strand_id   A,B
#
loop_
_chem_comp.id
_chem_comp.type
_chem_comp.name
_chem_comp.formula
BMA D-saccharide, beta linking beta-D-mannopyranose 'C6 H12 O6'
CA non-polymer 'CALCIUM ION' 'Ca 2'
FUC L-saccharide, alpha linking alpha-L-fucopyranose 'C6 H12 O5'
GM6 non-polymer 3-(N-HYDROXYCARBOXAMIDO)-2-ISOBUTYLPROPANOYL-TRP-METHYLAMIDE 'C20 H28 N4 O4'
MAN D-saccharide, alpha linking alpha-D-mannopyranose 'C6 H12 O6'
NAG D-saccharide, beta linking 2-acetamido-2-deoxy-beta-D-glucopyranose 'C8 H15 N O6'
ZN non-polymer 'ZINC ION' 'Zn 2'
#
# COMPACT_ATOMS: atom_id res chain seq x y z
N ASN A 5 -4.86 5.98 22.31
CA ASN A 5 -4.90 7.44 21.98
C ASN A 5 -5.20 7.67 20.50
N PRO A 6 -6.43 8.12 20.19
CA PRO A 6 -6.87 8.39 18.81
C PRO A 6 -6.14 9.56 18.15
N PHE A 7 -5.76 10.55 18.97
CA PHE A 7 -5.09 11.74 18.51
C PHE A 7 -3.63 11.60 18.08
N ARG A 8 -3.27 12.32 17.00
CA ARG A 8 -1.89 12.33 16.53
C ARG A 8 -1.34 13.68 16.97
N PHE A 9 -0.02 13.82 17.01
CA PHE A 9 0.57 15.07 17.44
C PHE A 9 1.62 15.59 16.46
N VAL A 10 1.51 16.85 16.08
CA VAL A 10 2.48 17.46 15.18
C VAL A 10 3.34 18.42 15.98
N GLU A 11 4.58 18.03 16.23
CA GLU A 11 5.50 18.89 16.95
C GLU A 11 6.06 19.84 15.91
N LEU A 12 5.55 21.07 15.93
CA LEU A 12 5.93 22.09 14.97
C LEU A 12 7.00 23.10 15.36
N VAL A 13 7.82 23.45 14.36
CA VAL A 13 8.88 24.46 14.50
C VAL A 13 8.58 25.50 13.42
N LEU A 14 8.53 26.76 13.82
CA LEU A 14 8.28 27.83 12.88
C LEU A 14 9.56 28.64 12.73
N VAL A 15 9.76 29.19 11.54
CA VAL A 15 10.93 30.00 11.25
C VAL A 15 10.46 31.30 10.63
N VAL A 16 10.98 32.42 11.12
CA VAL A 16 10.60 33.74 10.60
C VAL A 16 11.78 34.39 9.87
N ASP A 17 11.58 34.69 8.59
CA ASP A 17 12.61 35.30 7.76
C ASP A 17 12.86 36.76 8.16
N LYS A 18 14.03 37.28 7.80
CA LYS A 18 14.37 38.66 8.15
C LYS A 18 13.44 39.69 7.56
N ALA A 19 12.80 39.37 6.45
CA ALA A 19 11.87 40.32 5.85
C ALA A 19 10.79 40.66 6.88
N MET A 20 10.33 39.64 7.61
CA MET A 20 9.30 39.81 8.62
C MET A 20 9.80 40.56 9.85
N VAL A 21 11.03 40.28 10.27
CA VAL A 21 11.57 40.97 11.42
C VAL A 21 11.57 42.47 11.11
N THR A 22 12.07 42.83 9.94
CA THR A 22 12.12 44.24 9.55
C THR A 22 10.72 44.83 9.46
N LYS A 23 9.82 44.10 8.81
CA LYS A 23 8.44 44.56 8.65
C LYS A 23 7.86 44.90 10.01
N ASN A 24 8.26 44.16 11.04
CA ASN A 24 7.74 44.39 12.39
C ASN A 24 8.63 45.27 13.27
N ASN A 25 9.50 46.02 12.62
CA ASN A 25 10.38 46.94 13.30
C ASN A 25 11.23 46.27 14.39
N GLY A 26 11.56 45.00 14.16
CA GLY A 26 12.38 44.26 15.10
C GLY A 26 11.73 43.83 16.40
N ASP A 27 10.42 44.06 16.53
CA ASP A 27 9.71 43.71 17.76
C ASP A 27 9.56 42.19 17.86
N LEU A 28 10.62 41.54 18.33
CA LEU A 28 10.60 40.09 18.48
C LEU A 28 9.51 39.58 19.39
N ASP A 29 9.15 40.36 20.39
CA ASP A 29 8.09 39.94 21.30
C ASP A 29 6.79 39.89 20.52
N LYS A 30 6.57 40.89 19.67
CA LYS A 30 5.36 40.95 18.85
C LYS A 30 5.29 39.78 17.87
N ILE A 31 6.43 39.44 17.28
CA ILE A 31 6.47 38.32 16.34
C ILE A 31 6.08 37.05 17.09
N LYS A 32 6.71 36.83 18.24
CA LYS A 32 6.47 35.63 19.04
C LYS A 32 5.03 35.52 19.51
N THR A 33 4.50 36.60 20.08
CA THR A 33 3.13 36.59 20.56
C THR A 33 2.22 36.23 19.42
N ARG A 34 2.59 36.68 18.23
CA ARG A 34 1.78 36.42 17.05
C ARG A 34 1.84 34.95 16.61
N MET A 35 3.01 34.33 16.72
CA MET A 35 3.14 32.93 16.34
C MET A 35 2.33 32.06 17.31
N TYR A 36 2.41 32.37 18.60
CA TYR A 36 1.66 31.62 19.60
C TYR A 36 0.19 31.68 19.23
N GLU A 37 -0.29 32.87 18.87
CA GLU A 37 -1.69 33.04 18.50
C GLU A 37 -2.03 32.15 17.31
N ILE A 38 -1.26 32.28 16.24
CA ILE A 38 -1.51 31.52 15.03
C ILE A 38 -1.53 30.02 15.23
N VAL A 39 -0.53 29.50 15.92
CA VAL A 39 -0.47 28.06 16.16
C VAL A 39 -1.63 27.58 17.02
N ASN A 40 -2.07 28.44 17.94
CA ASN A 40 -3.19 28.10 18.82
C ASN A 40 -4.45 27.85 17.97
N THR A 41 -4.67 28.72 16.98
CA THR A 41 -5.82 28.59 16.10
C THR A 41 -5.68 27.36 15.22
N VAL A 42 -4.46 27.08 14.76
CA VAL A 42 -4.22 25.92 13.92
C VAL A 42 -4.63 24.67 14.71
N ASN A 43 -4.22 24.63 15.98
CA ASN A 43 -4.54 23.51 16.87
C ASN A 43 -6.05 23.37 16.99
N GLU A 44 -6.74 24.49 17.17
CA GLU A 44 -8.21 24.46 17.25
C GLU A 44 -8.77 23.96 15.92
N ILE A 45 -8.19 24.43 14.82
CA ILE A 45 -8.64 24.04 13.49
C ILE A 45 -8.49 22.54 13.25
N TYR A 46 -7.52 21.94 13.91
CA TYR A 46 -7.29 20.51 13.70
C TYR A 46 -7.97 19.51 14.64
N ARG A 47 -8.85 19.96 15.53
CA ARG A 47 -9.55 19.04 16.42
C ARG A 47 -10.31 18.04 15.55
N TYR A 48 -11.10 18.57 14.63
CA TYR A 48 -11.89 17.79 13.70
C TYR A 48 -11.12 16.59 13.16
N MET A 49 -9.90 16.83 12.68
CA MET A 49 -9.04 15.80 12.12
C MET A 49 -8.40 14.85 13.12
N TYR A 50 -8.71 15.02 14.40
CA TYR A 50 -8.10 14.18 15.45
C TYR A 50 -6.58 14.32 15.37
N ILE A 51 -6.12 15.56 15.27
CA ILE A 51 -4.71 15.88 15.20
C ILE A 51 -4.44 17.10 16.08
N HIS A 52 -3.37 17.06 16.84
CA HIS A 52 -3.02 18.19 17.69
C HIS A 52 -1.75 18.83 17.17
N VAL A 53 -1.68 20.16 17.27
CA VAL A 53 -0.52 20.88 16.82
C VAL A 53 0.07 21.67 17.98
N ALA A 54 1.35 21.44 18.25
CA ALA A 54 2.05 22.13 19.32
C ALA A 54 3.37 22.71 18.83
N LEU A 55 3.57 23.99 19.11
CA LEU A 55 4.79 24.69 18.72
C LEU A 55 5.92 24.28 19.68
N VAL A 56 6.93 23.58 19.17
CA VAL A 56 8.04 23.14 20.04
C VAL A 56 9.32 23.90 19.73
N GLY A 57 9.25 24.81 18.77
CA GLY A 57 10.42 25.57 18.40
C GLY A 57 10.09 26.79 17.58
N LEU A 58 10.87 27.85 17.74
CA LEU A 58 10.64 29.08 17.00
C LEU A 58 11.97 29.77 16.79
N GLU A 59 12.39 29.87 15.53
CA GLU A 59 13.65 30.50 15.20
C GLU A 59 13.45 31.75 14.34
N ILE A 60 13.97 32.88 14.83
CA ILE A 60 13.85 34.17 14.16
C ILE A 60 15.18 34.58 13.54
N TRP A 61 15.23 34.64 12.21
CA TRP A 61 16.45 35.05 11.51
C TRP A 61 16.57 36.56 11.47
N SER A 62 16.62 37.18 12.65
CA SER A 62 16.71 38.63 12.75
C SER A 62 18.07 39.17 12.30
N ASN A 63 19.09 38.32 12.30
CA ASN A 63 20.41 38.74 11.88
C ASN A 63 20.47 38.65 10.35
N GLU A 64 20.29 37.44 9.83
CA GLU A 64 20.31 37.20 8.40
C GLU A 64 19.59 35.88 8.10
N ASP A 65 19.00 35.77 6.91
CA ASP A 65 18.31 34.54 6.52
C ASP A 65 19.36 33.46 6.31
N LYS A 66 19.02 32.22 6.65
CA LYS A 66 19.97 31.13 6.48
C LYS A 66 19.83 30.44 5.13
N ILE A 67 18.98 31.02 4.29
CA ILE A 67 18.77 30.54 2.93
C ILE A 67 18.37 31.81 2.19
N THR A 68 18.39 31.78 0.87
CA THR A 68 17.99 32.98 0.16
C THR A 68 16.49 32.87 -0.09
N VAL A 69 15.73 33.74 0.55
CA VAL A 69 14.29 33.74 0.38
C VAL A 69 13.92 34.51 -0.88
N LYS A 70 13.51 33.79 -1.91
CA LYS A 70 13.14 34.41 -3.19
C LYS A 70 11.64 34.36 -3.44
N PRO A 71 11.12 35.30 -4.24
CA PRO A 71 9.68 35.35 -4.55
C PRO A 71 9.24 34.12 -5.36
N GLU A 72 10.20 33.33 -5.78
CA GLU A 72 9.95 32.12 -6.56
C GLU A 72 9.70 30.99 -5.54
N ALA A 73 8.42 30.73 -5.27
CA ALA A 73 8.01 29.72 -4.30
C ALA A 73 8.77 28.40 -4.30
N GLY A 74 8.80 27.74 -5.45
CA GLY A 74 9.47 26.46 -5.56
C GLY A 74 10.90 26.47 -5.04
N TYR A 75 11.69 27.43 -5.51
CA TYR A 75 13.07 27.54 -5.07
C TYR A 75 13.14 27.64 -3.56
N THR A 76 12.37 28.57 -3.02
CA THR A 76 12.35 28.79 -1.58
C THR A 76 11.88 27.61 -0.73
N LEU A 77 10.89 26.85 -1.19
CA LEU A 77 10.43 25.71 -0.41
C LEU A 77 11.51 24.65 -0.37
N ASN A 78 12.13 24.41 -1.52
CA ASN A 78 13.18 23.42 -1.67
C ASN A 78 14.40 23.74 -0.81
N ALA A 79 14.82 25.01 -0.79
CA ALA A 79 15.99 25.39 0.00
C ALA A 79 15.67 25.27 1.48
N PHE A 80 14.48 25.74 1.86
CA PHE A 80 14.07 25.65 3.26
C PHE A 80 14.07 24.18 3.69
N GLY A 81 13.52 23.33 2.83
CA GLY A 81 13.49 21.90 3.10
C GLY A 81 14.89 21.33 3.31
N GLU A 82 15.85 21.74 2.47
CA GLU A 82 17.23 21.29 2.56
C GLU A 82 17.84 21.77 3.86
N TRP A 83 17.67 23.05 4.12
CA TRP A 83 18.20 23.64 5.35
C TRP A 83 17.62 22.95 6.57
N ARG A 84 16.33 22.64 6.52
CA ARG A 84 15.67 21.97 7.63
C ARG A 84 16.29 20.59 7.86
N LYS A 85 16.53 19.87 6.77
CA LYS A 85 17.10 18.54 6.82
C LYS A 85 18.57 18.50 7.28
N THR A 86 19.38 19.41 6.76
CA THR A 86 20.81 19.43 7.08
C THR A 86 21.18 20.26 8.30
N ASP A 87 20.24 21.05 8.80
CA ASP A 87 20.55 21.88 9.95
C ASP A 87 19.53 21.73 11.09
N LEU A 88 18.41 22.43 10.98
CA LEU A 88 17.36 22.40 12.01
C LEU A 88 17.14 21.03 12.63
N LEU A 89 16.73 20.05 11.83
CA LEU A 89 16.45 18.71 12.34
C LEU A 89 17.66 18.06 13.00
N THR A 90 18.84 18.40 12.51
CA THR A 90 20.08 17.87 13.06
C THR A 90 20.21 18.14 14.55
N ARG A 91 19.76 19.33 14.95
CA ARG A 91 19.85 19.75 16.34
C ARG A 91 18.52 19.97 17.09
N LYS A 92 17.39 19.78 16.42
CA LYS A 92 16.10 19.97 17.07
C LYS A 92 15.08 18.92 16.66
N LYS A 93 14.64 18.14 17.63
CA LYS A 93 13.67 17.08 17.39
C LYS A 93 12.28 17.66 17.17
N HIS A 94 11.81 17.62 15.93
CA HIS A 94 10.49 18.12 15.56
C HIS A 94 9.98 17.36 14.34
N ASP A 95 8.66 17.37 14.16
CA ASP A 95 8.01 16.64 13.06
C ASP A 95 7.71 17.41 11.79
N ASN A 96 7.54 18.73 11.91
CA ASN A 96 7.18 19.55 10.76
C ASN A 96 7.71 20.96 10.96
N ALA A 97 8.00 21.66 9.86
CA ALA A 97 8.51 23.03 9.95
C ALA A 97 7.96 23.91 8.84
N GLN A 98 7.57 25.12 9.21
CA GLN A 98 7.02 26.08 8.26
C GLN A 98 7.81 27.38 8.34
N LEU A 99 8.03 28.00 7.19
CA LEU A 99 8.76 29.25 7.11
C LEU A 99 7.82 30.42 6.81
N LEU A 100 7.83 31.44 7.66
CA LEU A 100 7.00 32.63 7.40
C LEU A 100 7.89 33.70 6.80
N THR A 101 7.43 34.30 5.70
CA THR A 101 8.18 35.35 5.03
C THR A 101 7.33 36.54 4.63
N ALA A 102 7.87 37.74 4.86
CA ALA A 102 7.17 38.98 4.51
C ALA A 102 7.38 39.25 3.02
N ILE A 103 8.19 38.41 2.39
CA ILE A 103 8.44 38.54 0.96
C ILE A 103 7.19 38.04 0.25
N ASP A 104 6.77 38.77 -0.77
CA ASP A 104 5.59 38.38 -1.50
C ASP A 104 5.90 37.32 -2.54
N LEU A 105 5.48 36.09 -2.28
CA LEU A 105 5.72 35.00 -3.22
C LEU A 105 4.99 35.32 -4.53
N ASP A 106 5.46 34.74 -5.64
CA ASP A 106 4.86 35.01 -6.93
C ASP A 106 3.39 34.63 -7.08
N ARG A 107 3.14 33.50 -7.72
CA ARG A 107 1.78 33.03 -7.94
C ARG A 107 0.97 32.76 -6.68
N VAL A 108 1.64 32.36 -5.61
CA VAL A 108 0.95 31.99 -4.38
C VAL A 108 1.29 32.76 -3.10
N ILE A 109 0.60 32.38 -2.02
CA ILE A 109 0.84 32.98 -0.70
C ILE A 109 1.25 31.88 0.29
N GLY A 110 1.46 30.69 -0.24
CA GLY A 110 1.86 29.55 0.57
C GLY A 110 2.17 28.39 -0.35
N LEU A 111 3.02 27.47 0.09
CA LEU A 111 3.37 26.32 -0.74
C LEU A 111 3.95 25.20 0.11
N ALA A 112 3.55 23.96 -0.18
CA ALA A 112 4.03 22.81 0.59
C ALA A 112 3.93 21.49 -0.16
N TYR A 113 4.80 20.56 0.22
CA TYR A 113 4.81 19.21 -0.36
C TYR A 113 3.56 18.46 0.11
N VAL A 114 3.19 17.44 -0.64
CA VAL A 114 2.01 16.64 -0.29
C VAL A 114 2.39 15.27 0.25
N GLY A 115 1.72 14.87 1.33
CA GLY A 115 1.97 13.58 1.94
C GLY A 115 3.41 13.35 2.33
N SER A 116 3.99 14.31 3.05
CA SER A 116 5.39 14.23 3.42
C SER A 116 5.71 14.33 4.91
N MET A 117 4.68 14.29 5.76
CA MET A 117 4.91 14.36 7.19
C MET A 117 6.07 13.50 7.62
N CYS A 118 6.92 14.05 8.48
CA CYS A 118 8.08 13.35 9.02
C CYS A 118 9.25 13.21 8.04
N HIS A 119 9.02 13.48 6.76
CA HIS A 119 10.13 13.38 5.83
C HIS A 119 11.17 14.42 6.26
N PRO A 120 12.42 14.01 6.45
CA PRO A 120 13.44 14.97 6.87
C PRO A 120 13.49 16.28 6.09
N LYS A 121 13.35 16.23 4.78
CA LYS A 121 13.40 17.45 3.98
C LYS A 121 12.04 17.97 3.50
N ARG A 122 11.15 17.07 3.14
CA ARG A 122 9.85 17.46 2.62
C ARG A 122 8.78 17.80 3.65
N SER A 123 9.00 17.46 4.92
CA SER A 123 8.00 17.77 5.94
C SER A 123 8.03 19.26 6.27
N THR A 124 7.78 20.09 5.26
CA THR A 124 7.81 21.54 5.45
C THR A 124 6.89 22.25 4.48
N GLY A 125 6.78 23.56 4.67
CA GLY A 125 5.98 24.41 3.81
C GLY A 125 6.38 25.85 4.07
N ILE A 126 6.08 26.75 3.13
CA ILE A 126 6.40 28.16 3.33
C ILE A 126 5.11 28.96 3.30
N ILE A 127 5.04 29.98 4.15
CA ILE A 127 3.83 30.79 4.30
C ILE A 127 4.14 32.27 4.19
N GLN A 128 3.43 32.97 3.33
CA GLN A 128 3.62 34.40 3.17
C GLN A 128 2.83 35.15 4.22
N ASP A 129 3.44 36.18 4.81
CA ASP A 129 2.77 37.00 5.82
C ASP A 129 1.81 37.88 5.03
N TYR A 130 0.78 37.23 4.51
CA TYR A 130 -0.26 37.80 3.69
C TYR A 130 -1.16 38.85 4.34
N SER A 131 -1.53 38.63 5.60
CA SER A 131 -2.39 39.57 6.29
C SER A 131 -2.06 39.65 7.77
N GLU A 132 -2.40 40.78 8.38
CA GLU A 132 -2.15 40.98 9.80
C GLU A 132 -3.20 40.25 10.65
N ILE A 133 -4.24 39.75 10.01
CA ILE A 133 -5.31 39.03 10.71
C ILE A 133 -4.83 37.61 11.04
N ASN A 134 -4.66 37.31 12.32
CA ASN A 134 -4.17 35.99 12.71
C ASN A 134 -5.00 34.80 12.22
N LEU A 135 -6.29 35.00 12.00
CA LEU A 135 -7.14 33.92 11.51
C LEU A 135 -6.75 33.58 10.07
N VAL A 136 -6.39 34.60 9.31
CA VAL A 136 -5.99 34.46 7.92
C VAL A 136 -4.68 33.69 7.79
N VAL A 137 -3.67 34.09 8.53
CA VAL A 137 -2.40 33.40 8.47
C VAL A 137 -2.58 32.00 9.04
N ALA A 138 -3.44 31.87 10.05
CA ALA A 138 -3.72 30.56 10.66
C ALA A 138 -4.33 29.63 9.62
N VAL A 139 -5.09 30.20 8.67
CA VAL A 139 -5.70 29.40 7.63
C VAL A 139 -4.64 28.91 6.64
N ILE A 140 -3.76 29.81 6.21
CA ILE A 140 -2.71 29.43 5.27
C ILE A 140 -1.90 28.28 5.88
N MET A 141 -1.52 28.46 7.14
CA MET A 141 -0.71 27.46 7.84
C MET A 141 -1.40 26.10 7.89
N ALA A 142 -2.66 26.08 8.31
CA ALA A 142 -3.41 24.82 8.38
C ALA A 142 -3.46 24.19 6.99
N HIS A 143 -3.51 25.04 5.97
CA HIS A 143 -3.58 24.60 4.60
C HIS A 143 -2.27 23.94 4.16
N GLU A 144 -1.14 24.59 4.43
CA GLU A 144 0.15 24.02 4.04
C GLU A 144 0.47 22.75 4.82
N MET A 145 0.08 22.72 6.09
CA MET A 145 0.31 21.52 6.88
C MET A 145 -0.67 20.45 6.37
N GLY A 146 -1.80 20.90 5.85
CA GLY A 146 -2.75 19.96 5.29
C GLY A 146 -2.08 19.17 4.18
N HIS A 147 -1.47 19.86 3.22
CA HIS A 147 -0.78 19.19 2.13
C HIS A 147 0.27 18.23 2.71
N ASN A 148 1.01 18.70 3.71
CA ASN A 148 2.04 17.87 4.35
C ASN A 148 1.40 16.56 4.86
N LEU A 149 0.18 16.66 5.37
CA LEU A 149 -0.57 15.52 5.89
C LEU A 149 -1.29 14.73 4.78
N GLY A 150 -0.78 14.87 3.55
CA GLY A 150 -1.34 14.16 2.41
C GLY A 150 -2.64 14.68 1.79
N ILE A 151 -3.11 15.84 2.24
CA ILE A 151 -4.36 16.40 1.72
C ILE A 151 -4.20 17.21 0.43
N ASN A 152 -5.11 17.00 -0.52
CA ASN A 152 -5.08 17.74 -1.77
C ASN A 152 -6.21 18.78 -1.77
N HIS A 153 -6.24 19.65 -2.78
CA HIS A 153 -7.26 20.69 -2.87
C HIS A 153 -8.66 20.14 -3.08
N ASP A 154 -9.65 20.81 -2.50
CA ASP A 154 -11.04 20.40 -2.66
C ASP A 154 -11.48 20.57 -4.11
N SER A 155 -12.49 19.80 -4.50
CA SER A 155 -13.02 19.86 -5.85
C SER A 155 -14.35 19.15 -5.97
N GLY A 156 -15.26 19.75 -6.74
CA GLY A 156 -16.56 19.16 -6.96
C GLY A 156 -17.43 18.95 -5.73
N TYR A 157 -17.72 17.68 -5.44
CA TYR A 157 -18.58 17.34 -4.31
C TYR A 157 -17.95 17.33 -2.92
N CYS A 158 -17.12 18.34 -2.63
CA CYS A 158 -16.51 18.42 -1.30
C CYS A 158 -17.20 19.55 -0.56
N SER A 159 -17.47 19.33 0.73
CA SER A 159 -18.16 20.33 1.53
C SER A 159 -17.75 20.39 2.99
N CYS A 160 -17.91 21.57 3.57
CA CYS A 160 -17.59 21.81 4.97
C CYS A 160 -18.71 22.69 5.54
N GLY A 161 -19.77 22.82 4.78
CA GLY A 161 -20.91 23.63 5.17
C GLY A 161 -21.02 24.79 4.19
N ASP A 162 -21.96 25.70 4.41
CA ASP A 162 -22.09 26.84 3.51
C ASP A 162 -20.95 27.83 3.76
N TYR A 163 -19.84 27.31 4.25
CA TYR A 163 -18.64 28.11 4.54
C TYR A 163 -17.56 27.85 3.50
N ALA A 164 -16.49 28.64 3.56
CA ALA A 164 -15.36 28.52 2.65
C ALA A 164 -14.38 27.54 3.29
N CYS A 165 -14.18 26.38 2.67
CA CYS A 165 -13.28 25.39 3.24
C CYS A 165 -11.80 25.76 3.13
N ILE A 166 -11.01 25.17 4.02
CA ILE A 166 -9.58 25.40 4.13
C ILE A 166 -8.75 24.95 2.93
N MET A 167 -9.05 23.77 2.42
CA MET A 167 -8.30 23.22 1.31
C MET A 167 -8.69 23.65 -0.09
N ARG A 168 -9.45 24.73 -0.20
CA ARG A 168 -9.81 25.23 -1.53
C ARG A 168 -8.51 25.80 -2.11
N PRO A 169 -8.32 25.72 -3.44
CA PRO A 169 -7.10 26.23 -4.08
C PRO A 169 -6.90 27.74 -3.97
N GLU A 170 -7.92 28.44 -3.46
CA GLU A 170 -7.82 29.88 -3.26
C GLU A 170 -8.32 30.20 -1.88
N ILE A 171 -7.72 31.18 -1.22
CA ILE A 171 -8.17 31.55 0.10
C ILE A 171 -9.34 32.50 -0.14
N SER A 172 -10.35 32.42 0.72
CA SER A 172 -11.51 33.29 0.55
C SER A 172 -11.33 34.49 1.46
N PRO A 173 -11.94 35.63 1.10
CA PRO A 173 -11.81 36.83 1.94
C PRO A 173 -12.61 36.64 3.23
N GLU A 174 -13.32 35.52 3.28
CA GLU A 174 -14.19 35.15 4.39
C GLU A 174 -13.77 33.75 4.86
N PRO A 175 -12.49 33.57 5.18
CA PRO A 175 -11.94 32.28 5.62
C PRO A 175 -12.66 31.67 6.81
N SER A 176 -12.92 30.36 6.73
CA SER A 176 -13.56 29.67 7.83
C SER A 176 -12.51 28.77 8.48
N THR A 177 -12.87 28.16 9.60
CA THR A 177 -11.95 27.30 10.31
C THR A 177 -12.27 25.83 10.04
N PHE A 178 -12.92 25.55 8.91
CA PHE A 178 -13.33 24.18 8.59
C PHE A 178 -12.67 23.43 7.44
N PHE A 179 -12.40 22.16 7.67
CA PHE A 179 -11.84 21.26 6.66
C PHE A 179 -13.06 20.59 6.01
N SER A 180 -12.94 20.20 4.75
CA SER A 180 -14.05 19.53 4.06
C SER A 180 -14.07 18.05 4.41
N ASN A 181 -15.18 17.38 4.11
CA ASN A 181 -15.20 15.95 4.39
C ASN A 181 -14.09 15.29 3.59
N CYS A 182 -13.88 15.75 2.36
CA CYS A 182 -12.82 15.19 1.51
C CYS A 182 -11.46 15.30 2.19
N SER A 183 -11.18 16.46 2.79
CA SER A 183 -9.90 16.69 3.46
C SER A 183 -9.69 15.68 4.60
N TYR A 184 -10.74 15.44 5.37
CA TYR A 184 -10.70 14.50 6.49
C TYR A 184 -10.29 13.10 6.05
N PHE A 185 -11.10 12.47 5.21
CA PHE A 185 -10.80 11.12 4.74
C PHE A 185 -9.45 10.98 4.06
N GLU A 186 -9.09 11.94 3.22
CA GLU A 186 -7.81 11.87 2.53
C GLU A 186 -6.66 11.93 3.53
N CYS A 187 -6.87 12.66 4.62
CA CYS A 187 -5.84 12.82 5.65
C CYS A 187 -5.58 11.51 6.37
N TRP A 188 -6.61 10.91 6.94
CA TRP A 188 -6.44 9.66 7.65
C TRP A 188 -6.08 8.55 6.69
N ASP A 189 -6.37 8.78 5.40
CA ASP A 189 -6.02 7.81 4.38
C ASP A 189 -4.49 7.78 4.37
N PHE A 190 -3.89 8.96 4.31
CA PHE A 190 -2.43 9.07 4.32
C PHE A 190 -1.87 8.49 5.61
N ILE A 191 -2.52 8.81 6.73
CA ILE A 191 -2.09 8.34 8.05
C ILE A 191 -2.10 6.81 8.19
N MET A 192 -2.88 6.14 7.33
CA MET A 192 -2.97 4.68 7.37
C MET A 192 -2.03 4.00 6.38
N ASN A 193 -2.22 4.27 5.10
CA ASN A 193 -1.39 3.68 4.05
C ASN A 193 0.08 3.99 4.26
N HIS A 194 0.36 5.26 4.54
CA HIS A 194 1.73 5.70 4.80
C HIS A 194 1.81 5.88 6.31
N ASN A 195 2.96 5.62 6.89
CA ASN A 195 3.07 5.74 8.33
C ASN A 195 3.82 6.98 8.81
N PRO A 196 3.08 8.01 9.24
CA PRO A 196 3.70 9.25 9.72
C PRO A 196 4.19 8.95 11.13
N GLU A 197 5.08 7.98 11.22
CA GLU A 197 5.65 7.51 12.48
C GLU A 197 5.98 8.58 13.52
N CYS A 198 6.40 9.76 13.09
CA CYS A 198 6.78 10.82 14.04
C CYS A 198 5.63 11.60 14.69
N ILE A 199 4.40 11.37 14.28
CA ILE A 199 3.30 12.09 14.89
C ILE A 199 2.51 11.24 15.88
N LEU A 200 3.13 10.14 16.33
CA LEU A 200 2.50 9.25 17.29
C LEU A 200 2.75 9.74 18.72
N ASN A 201 4.00 10.08 19.03
CA ASN A 201 4.35 10.53 20.37
C ASN A 201 3.70 11.85 20.78
N GLU A 202 3.31 11.93 22.04
CA GLU A 202 2.69 13.13 22.59
C GLU A 202 3.82 13.99 23.15
N PRO A 203 3.88 15.28 22.78
CA PRO A 203 4.94 16.15 23.28
C PRO A 203 4.80 16.43 24.78
N LEU A 204 5.93 16.40 25.49
CA LEU A 204 5.92 16.66 26.92
C LEU A 204 5.54 18.12 27.13
N GLY A 205 5.02 18.44 28.31
CA GLY A 205 4.62 19.80 28.59
C GLY A 205 5.77 20.78 28.48
N THR A 206 6.96 20.33 28.86
CA THR A 206 8.15 21.17 28.80
C THR A 206 8.69 21.30 27.40
N ASP A 207 8.07 20.60 26.44
CA ASP A 207 8.50 20.69 25.05
C ASP A 207 7.78 21.79 24.28
N ILE A 208 6.71 22.31 24.86
CA ILE A 208 5.93 23.37 24.23
C ILE A 208 6.41 24.74 24.68
N ILE A 209 6.78 25.59 23.74
CA ILE A 209 7.29 26.91 24.07
C ILE A 209 6.24 28.00 24.14
N SER A 210 5.04 27.70 23.62
CA SER A 210 3.97 28.68 23.68
C SER A 210 3.55 28.78 25.14
N PRO A 211 2.81 29.84 25.50
CA PRO A 211 2.35 30.02 26.88
C PRO A 211 1.24 29.01 27.17
N PRO A 212 1.36 28.24 28.26
CA PRO A 212 0.31 27.28 28.55
C PRO A 212 -1.12 27.84 28.56
N VAL A 213 -2.01 27.11 27.90
CA VAL A 213 -3.42 27.47 27.79
C VAL A 213 -4.29 26.31 28.24
N CYS A 214 -5.02 26.47 29.34
CA CYS A 214 -5.89 25.41 29.81
C CYS A 214 -7.11 25.34 28.91
N GLY A 215 -7.32 24.19 28.28
CA GLY A 215 -8.45 24.00 27.38
C GLY A 215 -8.06 23.71 25.94
N ASN A 216 -6.77 23.79 25.60
CA ASN A 216 -6.32 23.53 24.23
C ASN A 216 -6.15 22.03 23.99
N GLU A 217 -6.54 21.23 24.99
CA GLU A 217 -6.43 19.78 24.91
C GLU A 217 -4.99 19.29 24.85
N LEU A 218 -4.10 20.08 25.45
CA LEU A 218 -2.68 19.77 25.51
C LEU A 218 -2.14 20.00 26.92
N LEU A 219 -1.63 18.94 27.54
CA LEU A 219 -1.08 19.01 28.88
C LEU A 219 0.21 19.82 28.92
N GLU A 220 0.14 21.01 29.50
CA GLU A 220 1.30 21.88 29.58
C GLU A 220 1.67 22.18 31.03
N VAL A 221 2.81 22.82 31.23
CA VAL A 221 3.28 23.17 32.56
C VAL A 221 2.25 23.96 33.37
N GLY A 222 2.01 23.52 34.60
CA GLY A 222 1.05 24.21 35.45
C GLY A 222 -0.35 23.62 35.37
N GLU A 223 -0.45 22.49 34.67
CA GLU A 223 -1.72 21.79 34.51
C GLU A 223 -1.56 20.35 34.96
N GLU A 224 -2.56 19.85 35.66
CA GLU A 224 -2.54 18.47 36.15
C GLU A 224 -3.20 17.59 35.09
N CYS A 225 -4.02 18.23 34.26
CA CYS A 225 -4.73 17.55 33.19
C CYS A 225 -5.34 18.62 32.30
N ASP A 226 -5.80 18.22 31.11
CA ASP A 226 -6.43 19.16 30.17
C ASP A 226 -7.28 18.36 29.20
N CYS A 227 -8.58 18.58 29.27
CA CYS A 227 -9.50 17.85 28.42
C CYS A 227 -10.30 18.76 27.51
N GLY A 228 -9.79 19.97 27.30
CA GLY A 228 -10.47 20.92 26.42
C GLY A 228 -11.51 21.73 27.16
N THR A 229 -12.41 22.35 26.41
CA THR A 229 -13.48 23.15 27.01
C THR A 229 -14.36 22.25 27.87
N PRO A 230 -15.03 22.83 28.88
CA PRO A 230 -15.87 21.97 29.72
C PRO A 230 -16.95 21.23 28.92
N GLU A 231 -17.25 21.73 27.72
CA GLU A 231 -18.27 21.13 26.86
C GLU A 231 -17.83 19.90 26.09
N ASN A 232 -16.56 19.81 25.73
CA ASN A 232 -16.08 18.66 24.98
C ASN A 232 -15.40 17.64 25.88
N CYS A 233 -15.03 18.08 27.08
CA CYS A 233 -14.36 17.23 28.05
C CYS A 233 -15.11 15.92 28.35
N GLN A 234 -14.42 14.80 28.11
CA GLN A 234 -14.98 13.48 28.37
C GLN A 234 -14.08 12.76 29.36
N ASN A 235 -13.19 13.51 30.00
CA ASN A 235 -12.26 12.95 30.97
C ASN A 235 -12.84 13.09 32.38
N GLU A 236 -13.36 11.98 32.88
CA GLU A 236 -13.96 11.92 34.20
C GLU A 236 -13.08 12.45 35.32
N CYS A 237 -11.77 12.29 35.19
CA CYS A 237 -10.84 12.75 36.22
C CYS A 237 -10.47 14.24 36.21
N CYS A 238 -10.90 14.97 35.20
CA CYS A 238 -10.49 16.36 35.11
C CYS A 238 -11.56 17.43 35.14
N ASP A 239 -11.24 18.55 35.78
CA ASP A 239 -12.14 19.68 35.82
C ASP A 239 -11.64 20.54 34.65
N ALA A 240 -12.38 20.50 33.54
CA ALA A 240 -12.00 21.24 32.35
C ALA A 240 -11.61 22.70 32.57
N ALA A 241 -12.49 23.45 33.21
CA ALA A 241 -12.25 24.88 33.45
C ALA A 241 -10.97 25.28 34.17
N THR A 242 -10.37 24.37 34.94
CA THR A 242 -9.17 24.73 35.68
C THR A 242 -7.99 23.79 35.45
N CYS A 243 -8.23 22.69 34.77
CA CYS A 243 -7.16 21.73 34.48
C CYS A 243 -6.59 21.13 35.77
N LYS A 244 -7.46 20.97 36.75
CA LYS A 244 -7.11 20.40 38.04
C LYS A 244 -7.82 19.06 38.19
N LEU A 245 -7.21 18.14 38.93
CA LEU A 245 -7.82 16.83 39.15
C LEU A 245 -9.03 16.94 40.08
N LYS A 246 -10.06 16.14 39.83
CA LYS A 246 -11.26 16.18 40.65
C LYS A 246 -11.78 14.80 41.04
N SER A 247 -12.40 14.72 42.21
CA SER A 247 -12.97 13.48 42.76
C SER A 247 -11.92 12.46 43.16
N GLY A 248 -12.26 11.18 43.03
CA GLY A 248 -11.34 10.11 43.40
C GLY A 248 -10.32 9.87 42.30
N SER A 249 -9.76 10.96 41.77
CA SER A 249 -8.78 10.87 40.71
C SER A 249 -7.36 11.13 41.20
N GLN A 250 -6.51 10.13 41.00
CA GLN A 250 -5.11 10.18 41.40
C GLN A 250 -4.25 10.57 40.19
N CYS A 251 -4.90 10.72 39.04
CA CYS A 251 -4.26 11.09 37.77
C CYS A 251 -5.37 11.16 36.72
N GLY A 252 -5.07 11.80 35.59
CA GLY A 252 -6.04 11.91 34.52
C GLY A 252 -5.37 11.94 33.16
N HIS A 253 -4.10 11.53 33.13
CA HIS A 253 -3.32 11.51 31.91
C HIS A 253 -2.15 10.54 32.02
N GLY A 254 -1.73 9.97 30.89
CA GLY A 254 -0.61 9.05 30.91
C GLY A 254 -0.92 7.60 30.59
N ASP A 255 0.09 6.86 30.16
CA ASP A 255 -0.07 5.45 29.84
C ASP A 255 -0.09 4.57 31.08
N CYS A 256 0.18 5.18 32.24
CA CYS A 256 0.16 4.44 33.50
C CYS A 256 -1.01 4.92 34.37
N CYS A 257 -1.98 5.56 33.74
CA CYS A 257 -3.15 6.06 34.45
C CYS A 257 -4.42 5.35 33.93
N GLU A 258 -4.94 4.43 34.73
CA GLU A 258 -6.15 3.68 34.37
C GLU A 258 -7.34 4.06 35.25
N GLN A 259 -8.37 4.64 34.63
CA GLN A 259 -9.57 5.05 35.36
C GLN A 259 -9.27 6.01 36.50
N CYS A 260 -8.45 7.02 36.21
CA CYS A 260 -8.10 8.04 37.18
C CYS A 260 -7.18 7.53 38.30
N LYS A 261 -6.45 6.45 38.05
CA LYS A 261 -5.55 5.91 39.08
C LYS A 261 -4.25 5.31 38.56
N PHE A 262 -3.19 5.47 39.35
CA PHE A 262 -1.88 4.92 38.99
C PHE A 262 -2.05 3.42 38.78
N SER A 263 -1.37 2.87 37.78
CA SER A 263 -1.46 1.44 37.52
C SER A 263 -0.51 0.72 38.48
N LYS A 264 -0.84 -0.52 38.82
CA LYS A 264 0.00 -1.28 39.75
C LYS A 264 1.46 -1.30 39.33
N SER A 265 2.36 -1.05 40.27
CA SER A 265 3.80 -1.05 39.98
C SER A 265 4.23 -2.34 39.29
N GLY A 266 5.10 -2.20 38.28
CA GLY A 266 5.57 -3.36 37.55
C GLY A 266 4.76 -3.62 36.30
N THR A 267 3.75 -2.78 36.05
CA THR A 267 2.92 -2.93 34.86
C THR A 267 3.70 -2.42 33.66
N GLU A 268 3.77 -3.26 32.63
CA GLU A 268 4.47 -2.90 31.41
C GLU A 268 3.65 -1.78 30.75
N CYS A 269 4.32 -0.70 30.35
CA CYS A 269 3.63 0.41 29.70
C CYS A 269 4.16 0.74 28.31
N ARG A 270 5.16 -0.03 27.89
CA ARG A 270 5.76 0.12 26.56
C ARG A 270 6.43 -1.21 26.25
N ALA A 271 5.78 -2.00 25.40
CA ALA A 271 6.29 -3.32 25.01
C ALA A 271 7.67 -3.25 24.36
N SER A 272 8.40 -4.36 24.46
CA SER A 272 9.74 -4.48 23.90
C SER A 272 9.75 -4.83 22.41
N MET A 273 10.47 -4.03 21.63
CA MET A 273 10.57 -4.28 20.20
C MET A 273 11.44 -5.50 19.91
N SER A 274 12.49 -5.68 20.71
CA SER A 274 13.40 -6.80 20.54
C SER A 274 14.30 -6.93 21.76
N GLU A 275 15.17 -7.95 21.74
CA GLU A 275 16.11 -8.19 22.84
C GLU A 275 17.00 -6.96 23.04
N CYS A 276 16.92 -6.04 22.10
CA CYS A 276 17.71 -4.81 22.13
C CYS A 276 16.95 -3.67 22.82
N ASP A 277 15.63 -3.83 22.93
CA ASP A 277 14.79 -2.81 23.53
C ASP A 277 14.07 -3.31 24.79
N PRO A 278 14.64 -3.04 25.98
CA PRO A 278 14.00 -3.49 27.22
C PRO A 278 12.68 -2.74 27.43
N ALA A 279 11.62 -3.46 27.77
CA ALA A 279 10.33 -2.82 27.99
C ALA A 279 10.38 -1.91 29.21
N GLU A 280 9.42 -1.01 29.30
CA GLU A 280 9.33 -0.09 30.43
C GLU A 280 8.14 -0.46 31.30
N HIS A 281 8.21 -0.07 32.56
CA HIS A 281 7.16 -0.38 33.53
C HIS A 281 6.73 0.81 34.40
N CYS A 282 5.50 0.75 34.88
CA CYS A 282 4.97 1.81 35.74
C CYS A 282 5.54 1.63 37.15
N THR A 283 5.66 2.74 37.87
CA THR A 283 6.21 2.69 39.23
C THR A 283 5.14 2.39 40.27
N GLY A 284 3.90 2.77 39.97
CA GLY A 284 2.81 2.54 40.90
C GLY A 284 2.45 3.83 41.63
N GLN A 285 3.31 4.83 41.51
CA GLN A 285 3.09 6.12 42.16
C GLN A 285 3.13 7.23 41.14
N SER A 286 3.34 6.86 39.88
CA SER A 286 3.41 7.83 38.79
C SER A 286 2.41 7.43 37.72
N SER A 287 1.95 8.42 36.96
CA SER A 287 0.98 8.18 35.90
C SER A 287 1.65 8.13 34.53
N GLU A 288 2.87 8.65 34.45
CA GLU A 288 3.60 8.68 33.20
C GLU A 288 4.57 7.51 33.02
N CYS A 289 4.53 6.89 31.84
CA CYS A 289 5.40 5.78 31.52
C CYS A 289 6.79 6.37 31.35
N PRO A 290 7.81 5.76 31.96
CA PRO A 290 9.15 6.32 31.79
C PRO A 290 9.58 6.36 30.32
N ALA A 291 10.50 7.26 30.01
CA ALA A 291 11.02 7.42 28.65
C ALA A 291 11.59 6.12 28.12
N ASP A 292 11.38 5.89 26.82
CA ASP A 292 11.87 4.68 26.17
C ASP A 292 13.38 4.49 26.37
N VAL A 293 13.77 3.29 26.76
CA VAL A 293 15.17 2.97 26.96
C VAL A 293 15.57 1.83 26.02
N PHE A 294 16.69 2.01 25.33
CA PHE A 294 17.20 1.00 24.41
C PHE A 294 18.55 0.55 24.94
N HIS A 295 18.92 -0.69 24.66
CA HIS A 295 20.23 -1.12 25.12
C HIS A 295 21.25 -0.46 24.21
N LYS A 296 22.48 -0.35 24.69
CA LYS A 296 23.54 0.28 23.92
C LYS A 296 23.72 -0.36 22.55
N ASN A 297 23.91 0.45 21.53
CA ASN A 297 24.14 -0.06 20.19
C ASN A 297 25.46 -0.82 20.21
N GLY A 298 25.55 -1.85 19.38
CA GLY A 298 26.78 -2.63 19.31
C GLY A 298 26.71 -3.92 20.12
N GLN A 299 25.67 -4.04 20.94
CA GLN A 299 25.45 -5.21 21.76
C GLN A 299 25.05 -6.36 20.84
N PRO A 300 25.70 -7.54 20.98
CA PRO A 300 25.38 -8.70 20.15
C PRO A 300 23.93 -9.14 20.39
N CYS A 301 23.23 -9.44 19.31
CA CYS A 301 21.83 -9.85 19.40
C CYS A 301 21.48 -10.94 18.39
N LEU A 302 20.35 -11.60 18.63
CA LEU A 302 19.87 -12.69 17.78
C LEU A 302 20.94 -13.77 17.58
N ASP A 303 21.35 -14.38 18.69
CA ASP A 303 22.35 -15.44 18.68
C ASP A 303 23.63 -15.11 17.89
N ASN A 304 24.12 -13.89 18.04
CA ASN A 304 25.34 -13.44 17.37
C ASN A 304 25.24 -13.13 15.87
N TYR A 305 24.04 -13.19 15.31
CA TYR A 305 23.88 -12.90 13.89
C TYR A 305 23.73 -11.41 13.59
N GLY A 306 23.79 -10.59 14.64
CA GLY A 306 23.68 -9.16 14.48
C GLY A 306 24.16 -8.38 15.69
N TYR A 307 23.93 -7.06 15.67
CA TYR A 307 24.32 -6.20 16.78
C TYR A 307 23.20 -5.17 16.94
N CYS A 308 22.91 -4.79 18.18
CA CYS A 308 21.84 -3.84 18.45
C CYS A 308 21.96 -2.47 17.76
N TYR A 309 20.82 -1.96 17.30
CA TYR A 309 20.77 -0.65 16.66
C TYR A 309 19.46 0.05 16.99
N ASN A 310 19.54 1.03 17.89
CA ASN A 310 18.37 1.80 18.29
C ASN A 310 17.17 0.97 18.73
N GLY A 311 17.42 -0.04 19.54
CA GLY A 311 16.33 -0.87 20.03
C GLY A 311 15.94 -2.03 19.14
N ASN A 312 16.61 -2.19 18.01
CA ASN A 312 16.31 -3.29 17.10
C ASN A 312 17.58 -4.07 16.77
N CYS A 313 17.41 -5.25 16.16
CA CYS A 313 18.55 -6.08 15.78
C CYS A 313 18.51 -6.38 14.28
N PRO A 314 18.71 -5.35 13.45
CA PRO A 314 18.70 -5.49 11.99
C PRO A 314 19.70 -6.50 11.44
N ILE A 315 19.21 -7.47 10.70
CA ILE A 315 20.08 -8.46 10.10
C ILE A 315 19.66 -8.66 8.65
N MET A 316 20.64 -8.90 7.78
CA MET A 316 20.39 -9.09 6.36
C MET A 316 19.33 -10.13 6.02
N TYR A 317 19.17 -11.14 6.86
CA TYR A 317 18.17 -12.17 6.60
C TYR A 317 16.75 -11.65 6.69
N HIS A 318 16.42 -10.92 7.76
CA HIS A 318 15.07 -10.39 7.92
C HIS A 318 14.80 -9.37 6.82
N GLN A 319 15.82 -8.60 6.48
CA GLN A 319 15.69 -7.58 5.45
C GLN A 319 15.36 -8.21 4.10
N CYS A 320 16.02 -9.32 3.75
CA CYS A 320 15.71 -10.00 2.49
C CYS A 320 14.26 -10.49 2.56
N TYR A 321 13.88 -11.03 3.72
CA TYR A 321 12.53 -11.54 3.88
C TYR A 321 11.50 -10.45 3.71
N ASP A 322 11.70 -9.31 4.36
CA ASP A 322 10.74 -8.23 4.24
C ASP A 322 10.67 -7.66 2.84
N LEU A 323 11.73 -7.85 2.07
CA LEU A 323 11.76 -7.32 0.71
C LEU A 323 11.21 -8.29 -0.33
N PHE A 324 11.43 -9.59 -0.14
CA PHE A 324 10.98 -10.53 -1.14
C PHE A 324 10.18 -11.75 -0.68
N GLY A 325 9.84 -11.83 0.59
CA GLY A 325 9.11 -12.99 1.07
C GLY A 325 9.99 -14.18 1.42
N ALA A 326 9.40 -15.36 1.43
CA ALA A 326 10.10 -16.61 1.78
C ALA A 326 11.00 -17.19 0.70
N ASP A 327 11.95 -18.02 1.15
CA ASP A 327 12.89 -18.70 0.27
C ASP A 327 13.96 -17.78 -0.30
N VAL A 328 14.18 -16.66 0.39
CA VAL A 328 15.16 -15.66 -0.03
C VAL A 328 16.12 -15.39 1.12
N TYR A 329 17.42 -15.39 0.83
CA TYR A 329 18.43 -15.17 1.87
C TYR A 329 19.58 -14.32 1.36
N GLU A 330 20.57 -14.10 2.21
CA GLU A 330 21.72 -13.29 1.82
C GLU A 330 22.45 -13.92 0.66
N ALA A 331 22.58 -13.16 -0.42
CA ALA A 331 23.28 -13.62 -1.61
C ALA A 331 24.74 -13.91 -1.29
N GLU A 332 25.39 -14.67 -2.15
CA GLU A 332 26.80 -14.96 -1.95
C GLU A 332 27.58 -13.65 -2.10
N ASP A 333 28.72 -13.56 -1.41
CA ASP A 333 29.55 -12.35 -1.44
C ASP A 333 29.76 -11.71 -2.81
N SER A 334 30.07 -12.52 -3.81
CA SER A 334 30.30 -11.98 -5.16
C SER A 334 29.16 -11.05 -5.59
N CYS A 335 27.94 -11.38 -5.18
CA CYS A 335 26.78 -10.56 -5.55
C CYS A 335 26.98 -9.11 -5.19
N PHE A 336 27.40 -8.86 -3.95
CA PHE A 336 27.58 -7.50 -3.46
C PHE A 336 28.64 -6.68 -4.19
N GLU A 337 29.51 -7.33 -4.95
CA GLU A 337 30.54 -6.57 -5.68
C GLU A 337 29.87 -5.63 -6.69
N ARG A 338 28.60 -5.89 -7.02
CA ARG A 338 27.86 -5.04 -7.93
C ARG A 338 27.85 -3.63 -7.37
N ASN A 339 27.93 -3.53 -6.05
CA ASN A 339 27.91 -2.24 -5.36
C ASN A 339 29.11 -1.33 -5.64
N GLN A 340 30.11 -1.84 -6.35
CA GLN A 340 31.29 -1.04 -6.68
C GLN A 340 31.11 -0.24 -7.97
N LYS A 341 30.01 -0.47 -8.67
CA LYS A 341 29.75 0.21 -9.93
C LYS A 341 29.29 1.66 -9.80
N GLY A 342 28.57 1.99 -8.73
CA GLY A 342 28.10 3.35 -8.59
C GLY A 342 27.08 3.66 -9.68
N ASN A 343 26.42 2.62 -10.17
CA ASN A 343 25.41 2.77 -11.21
C ASN A 343 24.08 3.13 -10.58
N TYR A 344 22.99 2.95 -11.31
CA TYR A 344 21.69 3.33 -10.80
C TYR A 344 21.21 2.64 -9.51
N TYR A 345 21.69 1.42 -9.26
CA TYR A 345 21.27 0.70 -8.05
C TYR A 345 22.46 0.27 -7.18
N GLY A 346 23.62 0.09 -7.82
CA GLY A 346 24.80 -0.33 -7.09
C GLY A 346 25.64 0.79 -6.51
N TYR A 347 25.52 1.01 -5.19
CA TYR A 347 26.28 2.06 -4.54
C TYR A 347 26.18 1.97 -3.02
N CYS A 348 26.98 2.76 -2.31
CA CYS A 348 26.96 2.74 -0.85
C CYS A 348 26.20 3.89 -0.21
N ARG A 349 26.34 5.08 -0.78
CA ARG A 349 25.66 6.26 -0.24
C ARG A 349 25.56 7.40 -1.26
N LYS A 350 24.92 8.48 -0.82
CA LYS A 350 24.73 9.65 -1.66
C LYS A 350 25.35 10.89 -1.01
N GLU A 351 25.90 11.76 -1.84
CA GLU A 351 26.53 12.98 -1.40
C GLU A 351 26.27 14.01 -2.48
N ASN A 352 25.47 15.03 -2.16
CA ASN A 352 25.15 16.08 -3.11
C ASN A 352 24.38 15.48 -4.29
N GLY A 353 23.50 14.53 -3.99
CA GLY A 353 22.72 13.90 -5.04
C GLY A 353 23.53 13.01 -5.96
N ASN A 354 24.72 12.62 -5.50
CA ASN A 354 25.58 11.74 -6.29
C ASN A 354 25.66 10.36 -5.66
N LYS A 355 25.60 9.33 -6.51
CA LYS A 355 25.69 7.98 -6.00
C LYS A 355 27.16 7.60 -5.87
N ILE A 356 27.56 7.32 -4.64
CA ILE A 356 28.93 6.95 -4.36
C ILE A 356 29.09 5.44 -4.32
N PRO A 357 29.92 4.89 -5.21
CA PRO A 357 30.14 3.44 -5.24
C PRO A 357 30.78 2.98 -3.94
N CYS A 358 30.59 1.71 -3.60
CA CYS A 358 31.18 1.17 -2.39
C CYS A 358 32.64 0.82 -2.59
N ALA A 359 33.45 1.15 -1.59
CA ALA A 359 34.86 0.80 -1.65
C ALA A 359 34.81 -0.72 -1.44
N PRO A 360 35.75 -1.47 -2.02
CA PRO A 360 35.82 -2.93 -1.90
C PRO A 360 35.46 -3.50 -0.52
N GLU A 361 35.79 -2.75 0.52
CA GLU A 361 35.53 -3.18 1.89
C GLU A 361 34.12 -2.90 2.41
N ASP A 362 33.45 -1.89 1.85
CA ASP A 362 32.11 -1.51 2.29
C ASP A 362 31.01 -2.10 1.43
N VAL A 363 31.36 -3.08 0.63
CA VAL A 363 30.41 -3.69 -0.27
C VAL A 363 29.16 -4.33 0.34
N LYS A 364 29.25 -4.81 1.57
CA LYS A 364 28.08 -5.41 2.22
C LYS A 364 27.18 -4.36 2.87
N CYS A 365 27.53 -3.09 2.69
CA CYS A 365 26.73 -2.03 3.29
C CYS A 365 26.01 -1.16 2.28
N GLY A 366 25.96 -1.59 1.03
CA GLY A 366 25.26 -0.83 0.00
C GLY A 366 23.91 -1.44 -0.33
N ARG A 367 23.65 -1.60 -1.62
CA ARG A 367 22.41 -2.20 -2.08
C ARG A 367 22.41 -3.64 -1.57
N LEU A 368 21.27 -4.09 -1.07
CA LEU A 368 21.17 -5.46 -0.56
C LEU A 368 20.93 -6.46 -1.69
N TYR A 369 21.60 -7.62 -1.62
CA TYR A 369 21.43 -8.66 -2.63
C TYR A 369 21.01 -9.94 -1.91
N CYS A 370 20.06 -10.65 -2.49
CA CYS A 370 19.59 -11.89 -1.90
C CYS A 370 19.48 -12.97 -2.97
N LYS A 371 19.80 -14.21 -2.60
CA LYS A 371 19.67 -15.32 -3.53
C LYS A 371 18.21 -15.73 -3.36
N ASP A 372 17.49 -15.84 -4.48
CA ASP A 372 16.09 -16.18 -4.44
C ASP A 372 15.83 -17.63 -4.85
N ASN A 373 15.28 -18.40 -3.92
CA ASN A 373 14.99 -19.80 -4.21
C ASN A 373 13.52 -20.10 -3.98
N SER A 374 12.71 -19.06 -4.11
CA SER A 374 11.27 -19.17 -3.95
C SER A 374 10.77 -19.97 -5.15
N PRO A 375 9.62 -20.65 -5.00
CA PRO A 375 9.10 -21.43 -6.11
C PRO A 375 9.10 -20.69 -7.44
N GLY A 376 9.22 -21.45 -8.52
CA GLY A 376 9.17 -20.85 -9.84
C GLY A 376 10.44 -20.44 -10.54
N GLN A 377 11.45 -19.99 -9.81
CA GLN A 377 12.67 -19.57 -10.49
C GLN A 377 13.90 -19.51 -9.60
N ASN A 378 15.00 -19.13 -10.22
CA ASN A 378 16.30 -19.02 -9.58
C ASN A 378 16.84 -17.61 -9.85
N ASN A 379 17.53 -17.06 -8.86
CA ASN A 379 18.11 -15.72 -8.99
C ASN A 379 19.12 -15.55 -7.85
N PRO A 380 20.42 -15.68 -8.17
CA PRO A 380 21.51 -15.56 -7.20
C PRO A 380 21.67 -14.17 -6.58
N CYS A 381 21.49 -13.13 -7.38
CA CYS A 381 21.65 -11.77 -6.88
C CYS A 381 20.38 -10.92 -7.05
N LYS A 382 19.36 -11.20 -6.25
CA LYS A 382 18.14 -10.41 -6.32
C LYS A 382 18.36 -9.13 -5.55
N MET A 383 17.90 -8.03 -6.11
CA MET A 383 18.04 -6.73 -5.50
C MET A 383 16.76 -5.93 -5.77
N PHE A 384 16.43 -5.02 -4.88
CA PHE A 384 15.22 -4.22 -5.04
C PHE A 384 15.55 -2.76 -5.36
N TYR A 385 14.95 -2.24 -6.42
CA TYR A 385 15.16 -0.85 -6.82
C TYR A 385 13.89 -0.19 -7.36
N SER A 386 13.61 1.02 -6.88
CA SER A 386 12.45 1.79 -7.33
C SER A 386 12.80 3.26 -7.23
N ASN A 387 12.74 3.98 -8.34
CA ASN A 387 13.09 5.39 -8.25
C ASN A 387 12.02 6.14 -7.45
N GLU A 388 11.04 5.40 -6.93
CA GLU A 388 10.01 5.99 -6.10
C GLU A 388 10.68 6.36 -4.79
N ASP A 389 11.69 5.57 -4.42
CA ASP A 389 12.50 5.77 -3.22
C ASP A 389 13.71 4.84 -3.33
N GLU A 390 14.84 5.41 -3.74
CA GLU A 390 16.06 4.65 -3.95
C GLU A 390 16.66 4.01 -2.70
N HIS A 391 16.33 4.55 -1.54
CA HIS A 391 16.84 4.02 -0.28
C HIS A 391 16.27 2.64 0.02
N LYS A 392 15.04 2.36 -0.44
CA LYS A 392 14.46 1.05 -0.19
C LYS A 392 15.25 -0.01 -0.94
N GLY A 393 15.72 -1.02 -0.22
CA GLY A 393 16.51 -2.07 -0.83
C GLY A 393 17.96 -1.95 -0.39
N MET A 394 18.27 -0.85 0.27
CA MET A 394 19.62 -0.58 0.77
C MET A 394 19.77 -1.25 2.14
N VAL A 395 20.95 -1.81 2.41
CA VAL A 395 21.18 -2.46 3.70
C VAL A 395 20.92 -1.40 4.79
N LEU A 396 20.21 -1.78 5.83
CA LEU A 396 19.89 -0.82 6.89
C LEU A 396 21.09 -0.46 7.76
N PRO A 397 21.12 0.76 8.31
CA PRO A 397 22.26 1.11 9.16
C PRO A 397 22.24 0.24 10.41
N GLY A 398 23.41 -0.21 10.85
CA GLY A 398 23.49 -1.04 12.03
C GLY A 398 23.45 -2.53 11.77
N THR A 399 23.40 -2.89 10.50
CA THR A 399 23.35 -4.30 10.10
C THR A 399 24.75 -4.89 10.13
N LYS A 400 24.88 -6.12 10.66
CA LYS A 400 26.17 -6.78 10.73
C LYS A 400 26.62 -7.11 9.30
N CYS A 401 27.75 -6.58 8.88
CA CYS A 401 28.26 -6.80 7.53
C CYS A 401 29.36 -7.85 7.44
N ALA A 402 29.83 -8.30 8.60
CA ALA A 402 30.89 -9.31 8.70
C ALA A 402 31.11 -9.61 10.19
N ASP A 403 31.99 -10.55 10.50
CA ASP A 403 32.27 -10.89 11.89
C ASP A 403 32.91 -9.70 12.59
N GLY A 404 32.23 -9.18 13.61
CA GLY A 404 32.76 -8.05 14.34
C GLY A 404 32.60 -6.72 13.64
N LYS A 405 31.83 -6.69 12.55
CA LYS A 405 31.64 -5.45 11.81
C LYS A 405 30.16 -5.09 11.59
N VAL A 406 29.88 -3.80 11.60
CA VAL A 406 28.52 -3.30 11.40
C VAL A 406 28.53 -2.21 10.31
N CYS A 407 27.37 -1.91 9.77
CA CYS A 407 27.27 -0.87 8.74
C CYS A 407 26.96 0.45 9.41
N SER A 408 27.75 1.46 9.10
CA SER A 408 27.55 2.78 9.66
C SER A 408 27.82 3.78 8.54
N ASN A 409 26.78 4.52 8.16
CA ASN A 409 26.88 5.52 7.11
C ASN A 409 27.48 4.93 5.85
N GLY A 410 27.02 3.73 5.48
CA GLY A 410 27.52 3.10 4.27
C GLY A 410 28.93 2.51 4.30
N HIS A 411 29.46 2.30 5.50
CA HIS A 411 30.79 1.72 5.66
C HIS A 411 30.73 0.53 6.59
N CYS A 412 31.48 -0.52 6.25
CA CYS A 412 31.54 -1.70 7.10
C CYS A 412 32.71 -1.46 8.04
N VAL A 413 32.40 -1.13 9.30
CA VAL A 413 33.41 -0.82 10.31
C VAL A 413 33.31 -1.68 11.56
N ASP A 414 34.37 -1.69 12.36
CA ASP A 414 34.41 -2.48 13.61
C ASP A 414 33.24 -2.10 14.51
N VAL A 415 32.59 -3.09 15.10
CA VAL A 415 31.47 -2.80 15.98
C VAL A 415 32.01 -1.98 17.15
N ALA A 416 33.18 -2.40 17.65
CA ALA A 416 33.82 -1.74 18.77
C ALA A 416 34.02 -0.23 18.61
N THR A 417 34.29 0.22 17.40
CA THR A 417 34.50 1.65 17.16
C THR A 417 33.30 2.32 16.49
N ALA A 418 32.28 1.52 16.16
CA ALA A 418 31.08 2.01 15.49
C ALA A 418 30.17 2.89 16.36
N TYR A 419 30.19 2.67 17.68
CA TYR A 419 29.36 3.45 18.58
C TYR A 419 30.19 3.94 19.76
N ASN B 5 -21.42 -8.35 -3.87
CA ASN B 5 -21.49 -9.05 -2.55
C ASN B 5 -20.09 -9.12 -1.93
N PRO B 6 -19.97 -9.75 -0.75
CA PRO B 6 -18.65 -9.85 -0.09
C PRO B 6 -17.68 -10.84 -0.75
N PHE B 7 -18.19 -12.00 -1.16
CA PHE B 7 -17.36 -13.04 -1.79
C PHE B 7 -16.64 -12.67 -3.08
N ARG B 8 -15.47 -13.25 -3.27
CA ARG B 8 -14.66 -13.10 -4.48
C ARG B 8 -14.83 -14.44 -5.17
N PHE B 9 -14.49 -14.53 -6.45
CA PHE B 9 -14.66 -15.80 -7.16
C PHE B 9 -13.45 -16.23 -7.97
N VAL B 10 -13.03 -17.47 -7.76
CA VAL B 10 -11.89 -18.02 -8.49
C VAL B 10 -12.35 -19.04 -9.54
N GLU B 11 -12.33 -18.62 -10.80
CA GLU B 11 -12.71 -19.53 -11.88
C GLU B 11 -11.46 -20.38 -12.15
N LEU B 12 -11.50 -21.60 -11.63
CA LEU B 12 -10.39 -22.54 -11.72
C LEU B 12 -10.42 -23.54 -12.86
N VAL B 13 -9.25 -23.78 -13.44
CA VAL B 13 -9.12 -24.78 -14.48
C VAL B 13 -8.12 -25.81 -13.98
N LEU B 14 -8.51 -27.08 -13.98
CA LEU B 14 -7.62 -28.15 -13.56
C LEU B 14 -7.04 -28.83 -14.79
N VAL B 15 -5.77 -29.21 -14.69
CA VAL B 15 -5.08 -29.88 -15.78
C VAL B 15 -4.52 -31.18 -15.20
N VAL B 16 -4.86 -32.30 -15.84
CA VAL B 16 -4.41 -33.61 -15.42
C VAL B 16 -3.39 -34.21 -16.39
N ASP B 17 -2.21 -34.52 -15.88
CA ASP B 17 -1.13 -35.07 -16.70
C ASP B 17 -1.33 -36.54 -17.06
N LYS B 18 -0.56 -37.00 -18.05
CA LYS B 18 -0.64 -38.36 -18.54
C LYS B 18 -0.48 -39.40 -17.45
N ALA B 19 0.50 -39.19 -16.58
CA ALA B 19 0.73 -40.11 -15.48
C ALA B 19 -0.58 -40.38 -14.76
N MET B 20 -1.33 -39.32 -14.46
CA MET B 20 -2.61 -39.46 -13.77
C MET B 20 -3.56 -40.37 -14.53
N VAL B 21 -3.57 -40.24 -15.85
CA VAL B 21 -4.45 -41.07 -16.67
C VAL B 21 -4.07 -42.54 -16.56
N THR B 22 -2.78 -42.82 -16.70
CA THR B 22 -2.26 -44.17 -16.64
C THR B 22 -2.47 -44.78 -15.25
N LYS B 23 -2.30 -43.94 -14.23
CA LYS B 23 -2.49 -44.39 -12.87
C LYS B 23 -3.93 -44.89 -12.69
N ASN B 24 -4.86 -44.28 -13.41
CA ASN B 24 -6.27 -44.66 -13.32
C ASN B 24 -6.73 -45.58 -14.47
N ASN B 25 -5.76 -46.24 -15.10
CA ASN B 25 -6.05 -47.15 -16.20
C ASN B 25 -6.89 -46.49 -17.30
N GLY B 26 -6.63 -45.22 -17.55
CA GLY B 26 -7.33 -44.50 -18.60
C GLY B 26 -8.80 -44.18 -18.38
N ASP B 27 -9.32 -44.50 -17.20
CA ASP B 27 -10.72 -44.24 -16.89
C ASP B 27 -10.94 -42.77 -16.56
N LEU B 28 -11.30 -41.97 -17.57
CA LEU B 28 -11.51 -40.55 -17.37
C LEU B 28 -12.65 -40.20 -16.47
N ASP B 29 -13.76 -40.91 -16.58
CA ASP B 29 -14.90 -40.60 -15.72
C ASP B 29 -14.48 -40.63 -14.25
N LYS B 30 -13.55 -41.54 -13.91
CA LYS B 30 -13.06 -41.62 -12.54
C LYS B 30 -12.22 -40.41 -12.20
N ILE B 31 -11.45 -39.90 -13.17
CA ILE B 31 -10.63 -38.73 -12.88
C ILE B 31 -11.60 -37.57 -12.61
N LYS B 32 -12.38 -37.24 -13.63
CA LYS B 32 -13.35 -36.15 -13.53
C LYS B 32 -14.18 -36.17 -12.26
N THR B 33 -14.77 -37.31 -11.95
CA THR B 33 -15.59 -37.43 -10.75
C THR B 33 -14.83 -36.98 -9.52
N ARG B 34 -13.67 -37.59 -9.29
CA ARG B 34 -12.84 -37.24 -8.14
C ARG B 34 -12.47 -35.76 -8.13
N MET B 35 -12.14 -35.21 -9.29
CA MET B 35 -11.78 -33.79 -9.35
C MET B 35 -12.93 -32.89 -8.89
N TYR B 36 -14.15 -33.23 -9.30
CA TYR B 36 -15.32 -32.45 -8.92
C TYR B 36 -15.43 -32.42 -7.40
N GLU B 37 -15.34 -33.59 -6.79
CA GLU B 37 -15.44 -33.71 -5.34
C GLU B 37 -14.32 -32.97 -4.61
N ILE B 38 -13.13 -32.99 -5.19
CA ILE B 38 -11.99 -32.31 -4.57
C ILE B 38 -12.18 -30.81 -4.62
N VAL B 39 -12.56 -30.30 -5.79
CA VAL B 39 -12.76 -28.88 -5.95
C VAL B 39 -13.87 -28.38 -5.05
N ASN B 40 -14.96 -29.13 -4.99
CA ASN B 40 -16.07 -28.76 -4.13
C ASN B 40 -15.53 -28.59 -2.70
N THR B 41 -14.78 -29.59 -2.23
CA THR B 41 -14.20 -29.54 -0.89
C THR B 41 -13.32 -28.29 -0.77
N VAL B 42 -12.61 -27.95 -1.85
CA VAL B 42 -11.76 -26.77 -1.81
C VAL B 42 -12.67 -25.57 -1.57
N ASN B 43 -13.80 -25.54 -2.26
CA ASN B 43 -14.75 -24.44 -2.13
C ASN B 43 -15.30 -24.34 -0.71
N GLU B 44 -15.57 -25.48 -0.09
CA GLU B 44 -16.08 -25.46 1.27
C GLU B 44 -15.01 -24.90 2.20
N ILE B 45 -13.76 -25.23 1.92
CA ILE B 45 -12.62 -24.76 2.72
C ILE B 45 -12.39 -23.25 2.61
N TYR B 46 -12.64 -22.70 1.44
CA TYR B 46 -12.46 -21.26 1.22
C TYR B 46 -13.66 -20.40 1.59
N ARG B 47 -14.65 -21.02 2.23
CA ARG B 47 -15.86 -20.31 2.65
C ARG B 47 -15.50 -19.26 3.72
N TYR B 48 -14.99 -19.73 4.84
CA TYR B 48 -14.60 -18.85 5.95
C TYR B 48 -13.66 -17.75 5.46
N MET B 49 -12.98 -17.99 4.35
CA MET B 49 -12.06 -17.02 3.78
C MET B 49 -12.78 -16.02 2.86
N TYR B 50 -14.09 -16.19 2.72
CA TYR B 50 -14.88 -15.31 1.86
C TYR B 50 -14.43 -15.33 0.40
N ILE B 51 -14.13 -16.52 -0.09
CA ILE B 51 -13.71 -16.72 -1.48
C ILE B 51 -14.39 -17.98 -1.99
N HIS B 52 -14.86 -17.93 -3.24
CA HIS B 52 -15.52 -19.09 -3.83
C HIS B 52 -14.68 -19.69 -4.96
N VAL B 53 -14.58 -21.01 -4.97
CA VAL B 53 -13.81 -21.71 -5.98
C VAL B 53 -14.75 -22.50 -6.88
N ALA B 54 -14.75 -22.16 -8.17
CA ALA B 54 -15.62 -22.83 -9.14
C ALA B 54 -14.78 -23.33 -10.32
N LEU B 55 -14.96 -24.61 -10.66
CA LEU B 55 -14.25 -25.24 -11.76
C LEU B 55 -14.87 -24.87 -13.11
N VAL B 56 -14.16 -24.08 -13.90
CA VAL B 56 -14.68 -23.65 -15.20
C VAL B 56 -14.02 -24.37 -16.37
N GLY B 57 -13.06 -25.22 -16.05
CA GLY B 57 -12.38 -25.96 -17.09
C GLY B 57 -11.74 -27.19 -16.49
N LEU B 58 -11.36 -28.15 -17.33
CA LEU B 58 -10.70 -29.37 -16.88
C LEU B 58 -10.11 -30.12 -18.06
N GLU B 59 -8.83 -29.89 -18.33
CA GLU B 59 -8.16 -30.56 -19.43
C GLU B 59 -7.36 -31.77 -18.95
N ILE B 60 -7.45 -32.84 -19.72
CA ILE B 60 -6.77 -34.09 -19.41
C ILE B 60 -5.85 -34.45 -20.56
N TRP B 61 -4.57 -34.59 -20.26
CA TRP B 61 -3.59 -34.94 -21.29
C TRP B 61 -3.52 -36.46 -21.42
N SER B 62 -4.64 -37.04 -21.83
CA SER B 62 -4.76 -38.48 -22.00
C SER B 62 -3.79 -39.06 -23.03
N ASN B 63 -3.41 -38.26 -24.01
CA ASN B 63 -2.49 -38.76 -25.02
C ASN B 63 -1.03 -38.50 -24.68
N GLU B 64 -0.66 -37.23 -24.65
CA GLU B 64 0.72 -36.84 -24.37
C GLU B 64 0.71 -35.56 -23.53
N ASP B 65 1.72 -35.37 -22.68
CA ASP B 65 1.78 -34.16 -21.87
C ASP B 65 2.15 -32.99 -22.78
N LYS B 66 1.71 -31.78 -22.43
CA LYS B 66 2.00 -30.61 -23.24
C LYS B 66 3.26 -29.87 -22.77
N ILE B 67 3.88 -30.40 -21.73
CA ILE B 67 5.10 -29.85 -21.17
C ILE B 67 5.83 -31.07 -20.63
N THR B 68 7.07 -30.91 -20.22
CA THR B 68 7.78 -32.05 -19.68
C THR B 68 7.60 -32.02 -18.16
N VAL B 69 6.74 -32.91 -17.68
CA VAL B 69 6.44 -33.01 -16.25
C VAL B 69 7.61 -33.67 -15.52
N LYS B 70 8.51 -32.85 -14.98
CA LYS B 70 9.68 -33.36 -14.25
C LYS B 70 9.49 -33.36 -12.74
N PRO B 71 10.29 -34.19 -12.03
CA PRO B 71 10.23 -34.29 -10.57
C PRO B 71 10.68 -32.99 -9.88
N GLU B 72 11.38 -32.14 -10.63
CA GLU B 72 11.82 -30.85 -10.08
C GLU B 72 10.62 -29.91 -10.03
N ALA B 73 10.01 -29.76 -8.86
CA ALA B 73 8.84 -28.88 -8.74
C ALA B 73 9.03 -27.56 -9.49
N GLY B 74 10.16 -26.90 -9.27
CA GLY B 74 10.44 -25.63 -9.92
C GLY B 74 10.31 -25.61 -11.42
N TYR B 75 10.93 -26.57 -12.10
CA TYR B 75 10.89 -26.64 -13.56
C TYR B 75 9.45 -26.80 -14.05
N THR B 76 8.79 -27.81 -13.50
CA THR B 76 7.41 -28.11 -13.87
C THR B 76 6.46 -26.94 -13.66
N LEU B 77 6.56 -26.27 -12.52
CA LEU B 77 5.69 -25.14 -12.25
C LEU B 77 5.90 -24.06 -13.30
N ASN B 78 7.16 -23.69 -13.52
CA ASN B 78 7.51 -22.67 -14.49
C ASN B 78 7.06 -23.06 -15.91
N ALA B 79 7.21 -24.33 -16.26
CA ALA B 79 6.81 -24.80 -17.58
C ALA B 79 5.29 -24.72 -17.71
N PHE B 80 4.58 -25.19 -16.68
CA PHE B 80 3.12 -25.17 -16.67
C PHE B 80 2.63 -23.72 -16.75
N GLY B 81 3.32 -22.83 -16.04
CA GLY B 81 2.97 -21.42 -16.05
C GLY B 81 3.12 -20.83 -17.43
N GLU B 82 4.24 -21.12 -18.06
CA GLU B 82 4.53 -20.63 -19.42
C GLU B 82 3.56 -21.20 -20.44
N TRP B 83 3.04 -22.39 -20.15
CA TRP B 83 2.08 -23.03 -21.05
C TRP B 83 0.67 -22.48 -20.86
N ARG B 84 0.38 -22.01 -19.66
CA ARG B 84 -0.93 -21.47 -19.35
C ARG B 84 -1.10 -20.11 -20.00
N LYS B 85 -0.03 -19.34 -19.98
CA LYS B 85 -0.04 -17.99 -20.52
C LYS B 85 -0.07 -17.97 -22.05
N THR B 86 0.43 -19.03 -22.68
CA THR B 86 0.47 -19.05 -24.13
C THR B 86 -0.51 -19.98 -24.84
N ASP B 87 -0.89 -21.08 -24.20
CA ASP B 87 -1.78 -22.04 -24.83
C ASP B 87 -3.18 -22.22 -24.22
N LEU B 88 -3.31 -22.09 -22.90
CA LEU B 88 -4.61 -22.27 -22.26
C LEU B 88 -5.42 -20.99 -22.13
N LEU B 89 -4.78 -19.92 -21.70
CA LEU B 89 -5.46 -18.64 -21.51
C LEU B 89 -5.91 -18.05 -22.85
N THR B 90 -5.38 -18.59 -23.93
CA THR B 90 -5.71 -18.13 -25.27
C THR B 90 -7.10 -18.59 -25.69
N ARG B 91 -7.53 -19.72 -25.16
CA ARG B 91 -8.82 -20.29 -25.53
C ARG B 91 -9.74 -20.61 -24.34
N LYS B 92 -9.64 -19.86 -23.26
CA LYS B 92 -10.48 -20.10 -22.09
C LYS B 92 -10.26 -19.03 -21.02
N LYS B 93 -11.33 -18.35 -20.66
CA LYS B 93 -11.26 -17.29 -19.65
C LYS B 93 -11.31 -17.87 -18.24
N HIS B 94 -10.20 -17.77 -17.52
CA HIS B 94 -10.14 -18.29 -16.16
C HIS B 94 -9.10 -17.54 -15.33
N ASP B 95 -9.29 -17.56 -14.01
CA ASP B 95 -8.41 -16.85 -13.08
C ASP B 95 -7.19 -17.63 -12.62
N ASN B 96 -7.41 -18.89 -12.25
CA ASN B 96 -6.35 -19.74 -11.74
C ASN B 96 -6.33 -21.12 -12.41
N ALA B 97 -5.16 -21.75 -12.45
CA ALA B 97 -5.01 -23.10 -13.03
C ALA B 97 -4.07 -23.95 -12.18
N GLN B 98 -4.44 -25.21 -11.97
CA GLN B 98 -3.59 -26.10 -11.16
C GLN B 98 -3.31 -27.41 -11.91
N LEU B 99 -2.04 -27.83 -11.91
CA LEU B 99 -1.64 -29.04 -12.59
C LEU B 99 -1.55 -30.27 -11.69
N LEU B 100 -2.32 -31.31 -12.02
CA LEU B 100 -2.30 -32.52 -11.22
C LEU B 100 -1.40 -33.60 -11.86
N THR B 101 -0.42 -34.08 -11.10
CA THR B 101 0.48 -35.09 -11.62
C THR B 101 0.68 -36.26 -10.67
N ALA B 102 0.89 -37.44 -11.22
CA ALA B 102 1.10 -38.63 -10.41
C ALA B 102 2.58 -38.93 -10.25
N ILE B 103 3.43 -38.18 -10.97
CA ILE B 103 4.86 -38.40 -10.83
C ILE B 103 5.23 -37.91 -9.44
N ASP B 104 6.20 -38.57 -8.81
CA ASP B 104 6.62 -38.19 -7.48
C ASP B 104 7.59 -37.01 -7.58
N LEU B 105 7.12 -35.84 -7.13
CA LEU B 105 7.92 -34.61 -7.15
C LEU B 105 9.00 -34.69 -6.09
N ASP B 106 10.12 -34.03 -6.34
CA ASP B 106 11.22 -34.02 -5.37
C ASP B 106 10.89 -33.25 -4.10
N ARG B 107 11.01 -33.92 -2.96
CA ARG B 107 10.77 -33.29 -1.66
C ARG B 107 9.35 -32.85 -1.35
N VAL B 108 8.74 -32.08 -2.24
CA VAL B 108 7.39 -31.56 -2.00
C VAL B 108 6.27 -32.31 -2.73
N ILE B 109 5.03 -31.98 -2.37
CA ILE B 109 3.88 -32.61 -3.01
C ILE B 109 3.06 -31.54 -3.74
N GLY B 110 3.61 -30.33 -3.74
CA GLY B 110 2.97 -29.22 -4.42
C GLY B 110 3.83 -27.97 -4.38
N LEU B 111 3.70 -27.12 -5.38
CA LEU B 111 4.46 -25.87 -5.42
C LEU B 111 3.59 -24.81 -6.07
N ALA B 112 3.80 -23.55 -5.69
CA ALA B 112 3.00 -22.46 -6.25
C ALA B 112 3.61 -21.10 -5.98
N TYR B 113 3.38 -20.17 -6.91
CA TYR B 113 3.85 -18.80 -6.77
C TYR B 113 3.05 -18.13 -5.63
N VAL B 114 3.63 -17.12 -5.00
CA VAL B 114 2.93 -16.43 -3.92
C VAL B 114 2.44 -15.07 -4.42
N GLY B 115 1.21 -14.71 -4.05
CA GLY B 115 0.62 -13.44 -4.47
C GLY B 115 0.69 -13.21 -5.97
N SER B 116 0.06 -14.10 -6.74
CA SER B 116 0.09 -13.98 -8.20
C SER B 116 -1.27 -14.20 -8.86
N MET B 117 -2.33 -14.22 -8.06
CA MET B 117 -3.67 -14.42 -8.58
C MET B 117 -3.93 -13.51 -9.79
N CYS B 118 -4.52 -14.10 -10.83
CA CYS B 118 -4.85 -13.38 -12.07
C CYS B 118 -3.68 -13.20 -13.04
N HIS B 119 -2.46 -13.32 -12.54
CA HIS B 119 -1.31 -13.16 -13.41
C HIS B 119 -1.38 -14.23 -14.50
N PRO B 120 -1.24 -13.84 -15.78
CA PRO B 120 -1.31 -14.80 -16.87
C PRO B 120 -0.50 -16.08 -16.70
N LYS B 121 0.70 -16.00 -16.12
CA LYS B 121 1.48 -17.21 -15.94
C LYS B 121 1.70 -17.63 -14.49
N ARG B 122 1.91 -16.66 -13.60
CA ARG B 122 2.17 -16.98 -12.21
C ARG B 122 0.93 -17.39 -11.41
N SER B 123 -0.25 -17.23 -11.99
CA SER B 123 -1.48 -17.61 -11.31
C SER B 123 -1.68 -19.10 -11.55
N THR B 124 -0.72 -19.89 -11.07
CA THR B 124 -0.75 -21.33 -11.25
C THR B 124 -0.06 -22.01 -10.08
N GLY B 125 -0.01 -23.33 -10.14
CA GLY B 125 0.60 -24.12 -9.10
C GLY B 125 0.50 -25.58 -9.51
N ILE B 126 1.30 -26.46 -8.89
CA ILE B 126 1.23 -27.86 -9.24
C ILE B 126 0.91 -28.69 -8.00
N ILE B 127 0.29 -29.85 -8.23
CA ILE B 127 -0.13 -30.72 -7.16
C ILE B 127 0.15 -32.18 -7.47
N GLN B 128 0.65 -32.91 -6.48
CA GLN B 128 0.93 -34.32 -6.66
C GLN B 128 -0.24 -35.13 -6.12
N ASP B 129 -0.58 -36.20 -6.81
CA ASP B 129 -1.67 -37.07 -6.37
C ASP B 129 -1.11 -37.86 -5.20
N TYR B 130 -0.58 -37.13 -4.23
CA TYR B 130 0.03 -37.67 -3.03
C TYR B 130 -0.71 -38.80 -2.35
N SER B 131 -2.03 -38.68 -2.25
CA SER B 131 -2.84 -39.68 -1.57
C SER B 131 -4.15 -40.00 -2.29
N GLU B 132 -4.80 -41.08 -1.85
CA GLU B 132 -6.08 -41.49 -2.42
C GLU B 132 -7.21 -40.82 -1.66
N ILE B 133 -6.90 -40.34 -0.45
CA ILE B 133 -7.90 -39.67 0.38
C ILE B 133 -8.10 -38.26 -0.15
N ASN B 134 -9.25 -38.04 -0.78
CA ASN B 134 -9.58 -36.76 -1.37
C ASN B 134 -9.25 -35.53 -0.52
N LEU B 135 -9.61 -35.56 0.75
CA LEU B 135 -9.33 -34.43 1.63
C LEU B 135 -7.86 -34.03 1.58
N VAL B 136 -6.97 -35.02 1.52
CA VAL B 136 -5.54 -34.73 1.46
C VAL B 136 -5.17 -33.98 0.18
N VAL B 137 -5.77 -34.34 -0.95
CA VAL B 137 -5.50 -33.67 -2.21
C VAL B 137 -6.14 -32.29 -2.19
N ALA B 138 -7.24 -32.16 -1.47
CA ALA B 138 -7.93 -30.88 -1.37
C ALA B 138 -7.01 -29.90 -0.64
N VAL B 139 -6.45 -30.34 0.48
CA VAL B 139 -5.56 -29.47 1.25
C VAL B 139 -4.38 -29.00 0.41
N ILE B 140 -3.76 -29.90 -0.35
CA ILE B 140 -2.64 -29.51 -1.20
C ILE B 140 -3.08 -28.38 -2.13
N MET B 141 -4.20 -28.62 -2.82
CA MET B 141 -4.74 -27.65 -3.76
C MET B 141 -5.05 -26.34 -3.05
N ALA B 142 -5.84 -26.43 -1.97
CA ALA B 142 -6.18 -25.24 -1.20
C ALA B 142 -4.90 -24.54 -0.77
N HIS B 143 -3.90 -25.34 -0.36
CA HIS B 143 -2.61 -24.80 0.06
C HIS B 143 -1.95 -24.02 -1.09
N GLU B 144 -1.90 -24.61 -2.28
CA GLU B 144 -1.27 -23.95 -3.41
C GLU B 144 -2.04 -22.71 -3.86
N MET B 145 -3.36 -22.81 -3.96
CA MET B 145 -4.18 -21.67 -4.35
C MET B 145 -3.96 -20.57 -3.32
N GLY B 146 -3.83 -20.97 -2.06
CA GLY B 146 -3.58 -20.02 -0.99
C GLY B 146 -2.36 -19.17 -1.34
N HIS B 147 -1.23 -19.83 -1.61
CA HIS B 147 0.00 -19.12 -1.97
C HIS B 147 -0.32 -18.12 -3.10
N ASN B 148 -1.10 -18.58 -4.07
CA ASN B 148 -1.52 -17.75 -5.21
C ASN B 148 -2.32 -16.55 -4.68
N LEU B 149 -3.13 -16.78 -3.66
CA LEU B 149 -3.91 -15.71 -3.04
C LEU B 149 -3.01 -14.95 -2.05
N GLY B 150 -1.71 -14.97 -2.30
CA GLY B 150 -0.77 -14.26 -1.46
C GLY B 150 -0.59 -14.69 0.00
N ILE B 151 -0.85 -15.97 0.28
CA ILE B 151 -0.70 -16.47 1.65
C ILE B 151 0.63 -17.21 1.81
N ASN B 152 1.30 -16.98 2.94
CA ASN B 152 2.55 -17.66 3.22
C ASN B 152 2.33 -18.71 4.30
N HIS B 153 3.33 -19.58 4.49
CA HIS B 153 3.23 -20.65 5.47
C HIS B 153 2.99 -20.13 6.88
N ASP B 154 2.34 -20.95 7.70
CA ASP B 154 2.08 -20.58 9.09
C ASP B 154 3.38 -20.65 9.88
N SER B 155 3.67 -19.55 10.58
CA SER B 155 4.86 -19.43 11.39
C SER B 155 4.47 -19.28 12.86
N GLY B 156 5.49 -19.18 13.71
CA GLY B 156 5.33 -19.02 15.15
C GLY B 156 3.93 -19.01 15.77
N TYR B 157 3.44 -17.81 16.07
CA TYR B 157 2.14 -17.64 16.70
C TYR B 157 0.97 -17.52 15.70
N CYS B 158 0.60 -18.63 15.08
CA CYS B 158 -0.52 -18.64 14.14
C CYS B 158 -1.41 -19.80 14.57
N SER B 159 -2.72 -19.64 14.44
CA SER B 159 -3.60 -20.72 14.86
C SER B 159 -4.90 -20.86 14.09
N CYS B 160 -5.38 -22.09 14.03
CA CYS B 160 -6.63 -22.43 13.35
C CYS B 160 -7.36 -23.34 14.32
N GLY B 161 -7.00 -23.21 15.60
CA GLY B 161 -7.61 -24.01 16.64
C GLY B 161 -6.66 -25.13 17.05
N ASP B 162 -7.24 -26.28 17.36
CA ASP B 162 -6.47 -27.46 17.76
C ASP B 162 -6.43 -28.43 16.58
N TYR B 163 -6.32 -27.87 15.38
CA TYR B 163 -6.27 -28.65 14.14
C TYR B 163 -5.02 -28.26 13.35
N ALA B 164 -4.63 -29.10 12.40
CA ALA B 164 -3.46 -28.81 11.56
C ALA B 164 -3.87 -27.82 10.49
N CYS B 165 -3.25 -26.64 10.51
CA CYS B 165 -3.61 -25.61 9.55
C CYS B 165 -3.10 -25.88 8.13
N ILE B 166 -3.95 -25.55 7.17
CA ILE B 166 -3.68 -25.75 5.75
C ILE B 166 -2.41 -25.08 5.24
N MET B 167 -2.02 -23.97 5.85
CA MET B 167 -0.81 -23.30 5.38
C MET B 167 0.47 -23.67 6.09
N ARG B 168 0.46 -24.78 6.84
CA ARG B 168 1.68 -25.21 7.51
C ARG B 168 2.61 -25.63 6.38
N PRO B 169 3.92 -25.45 6.57
CA PRO B 169 4.93 -25.81 5.56
C PRO B 169 5.03 -27.30 5.22
N GLU B 170 4.22 -28.12 5.87
CA GLU B 170 4.21 -29.55 5.63
C GLU B 170 2.80 -30.04 5.90
N ILE B 171 2.37 -31.06 5.17
CA ILE B 171 1.03 -31.59 5.39
C ILE B 171 1.10 -32.52 6.60
N SER B 172 -0.05 -32.97 7.09
CA SER B 172 -0.07 -33.85 8.25
C SER B 172 -1.06 -34.98 8.05
N PRO B 173 -0.80 -36.14 8.67
CA PRO B 173 -1.68 -37.31 8.55
C PRO B 173 -3.03 -37.05 9.22
N GLU B 174 -3.14 -35.90 9.87
CA GLU B 174 -4.36 -35.48 10.55
C GLU B 174 -4.79 -34.18 9.88
N PRO B 175 -5.06 -34.22 8.57
CA PRO B 175 -5.47 -33.04 7.80
C PRO B 175 -6.82 -32.47 8.23
N SER B 176 -6.88 -31.15 8.34
CA SER B 176 -8.13 -30.49 8.71
C SER B 176 -8.47 -29.58 7.54
N THR B 177 -9.64 -28.95 7.60
CA THR B 177 -10.08 -28.06 6.53
C THR B 177 -10.02 -26.59 6.93
N PHE B 178 -9.28 -26.26 7.99
CA PHE B 178 -9.21 -24.86 8.44
C PHE B 178 -7.93 -24.10 8.13
N PHE B 179 -8.10 -22.80 7.89
CA PHE B 179 -6.99 -21.89 7.61
C PHE B 179 -6.68 -21.21 8.94
N SER B 180 -5.42 -20.85 9.16
CA SER B 180 -5.06 -20.18 10.40
C SER B 180 -5.60 -18.76 10.36
N ASN B 181 -5.71 -18.13 11.52
CA ASN B 181 -6.21 -16.76 11.57
C ASN B 181 -5.19 -15.93 10.79
N CYS B 182 -3.94 -16.37 10.75
CA CYS B 182 -2.88 -15.69 10.02
C CYS B 182 -3.14 -15.67 8.51
N SER B 183 -3.51 -16.83 7.97
CA SER B 183 -3.78 -16.94 6.53
C SER B 183 -4.91 -16.01 6.10
N TYR B 184 -5.94 -15.90 6.95
CA TYR B 184 -7.09 -15.05 6.66
C TYR B 184 -6.72 -13.59 6.44
N PHE B 185 -5.95 -13.02 7.36
CA PHE B 185 -5.55 -11.62 7.26
C PHE B 185 -4.56 -11.35 6.14
N GLU B 186 -3.61 -12.26 5.95
CA GLU B 186 -2.61 -12.11 4.90
C GLU B 186 -3.23 -12.27 3.51
N CYS B 187 -4.36 -12.98 3.44
CA CYS B 187 -5.05 -13.20 2.17
C CYS B 187 -5.68 -11.91 1.69
N TRP B 188 -6.47 -11.28 2.57
CA TRP B 188 -7.13 -10.04 2.22
C TRP B 188 -6.15 -8.89 2.03
N ASP B 189 -5.08 -8.88 2.80
CA ASP B 189 -4.09 -7.82 2.65
C ASP B 189 -3.60 -7.89 1.20
N PHE B 190 -3.56 -9.10 0.64
CA PHE B 190 -3.12 -9.25 -0.75
C PHE B 190 -4.24 -8.77 -1.67
N ILE B 191 -5.47 -9.07 -1.28
CA ILE B 191 -6.64 -8.67 -2.05
C ILE B 191 -6.79 -7.14 -2.09
N MET B 192 -6.41 -6.48 -1.01
CA MET B 192 -6.52 -5.03 -0.93
C MET B 192 -5.31 -4.29 -1.52
N ASN B 193 -4.14 -4.47 -0.94
CA ASN B 193 -2.94 -3.79 -1.45
C ASN B 193 -2.75 -4.05 -2.93
N HIS B 194 -2.84 -5.31 -3.31
CA HIS B 194 -2.70 -5.69 -4.71
C HIS B 194 -4.14 -5.91 -5.15
N ASN B 195 -4.42 -5.79 -6.44
CA ASN B 195 -5.80 -5.95 -6.86
C ASN B 195 -6.12 -7.16 -7.72
N PRO B 196 -6.63 -8.24 -7.10
CA PRO B 196 -6.97 -9.44 -7.85
C PRO B 196 -8.28 -9.13 -8.58
N GLU B 197 -8.17 -8.31 -9.62
CA GLU B 197 -9.31 -7.88 -10.41
C GLU B 197 -10.14 -9.03 -10.96
N CYS B 198 -9.49 -9.98 -11.60
CA CYS B 198 -10.14 -11.13 -12.22
C CYS B 198 -11.02 -12.00 -11.32
N ILE B 199 -11.02 -11.78 -10.01
CA ILE B 199 -11.86 -12.61 -9.13
C ILE B 199 -13.10 -11.89 -8.58
N LEU B 200 -13.46 -10.76 -9.20
CA LEU B 200 -14.63 -10.01 -8.78
C LEU B 200 -15.89 -10.55 -9.44
N ASN B 201 -15.79 -10.84 -10.72
CA ASN B 201 -16.93 -11.36 -11.48
C ASN B 201 -17.37 -12.72 -10.99
N GLU B 202 -18.69 -12.89 -10.90
CA GLU B 202 -19.26 -14.16 -10.46
C GLU B 202 -19.49 -15.00 -11.72
N PRO B 203 -19.18 -16.29 -11.67
CA PRO B 203 -19.36 -17.17 -12.82
C PRO B 203 -20.81 -17.60 -13.07
N LEU B 204 -21.23 -17.58 -14.32
CA LEU B 204 -22.57 -18.01 -14.69
C LEU B 204 -22.61 -19.52 -14.59
N GLY B 205 -23.71 -20.07 -14.07
CA GLY B 205 -23.84 -21.50 -13.92
C GLY B 205 -23.46 -22.32 -15.14
N THR B 206 -23.60 -21.72 -16.33
CA THR B 206 -23.28 -22.41 -17.57
C THR B 206 -21.80 -22.27 -17.92
N ASP B 207 -21.01 -21.80 -16.98
CA ASP B 207 -19.58 -21.65 -17.18
C ASP B 207 -18.91 -22.70 -16.31
N ILE B 208 -19.70 -23.26 -15.39
CA ILE B 208 -19.22 -24.28 -14.46
C ILE B 208 -19.42 -25.69 -15.02
N ILE B 209 -18.37 -26.24 -15.61
CA ILE B 209 -18.40 -27.57 -16.20
C ILE B 209 -18.70 -28.69 -15.21
N SER B 210 -18.60 -28.42 -13.92
CA SER B 210 -18.86 -29.45 -12.91
C SER B 210 -20.34 -29.76 -12.75
N PRO B 211 -20.66 -30.92 -12.16
CA PRO B 211 -22.04 -31.34 -11.93
C PRO B 211 -22.69 -30.44 -10.88
N PRO B 212 -23.84 -29.84 -11.20
CA PRO B 212 -24.55 -28.95 -10.28
C PRO B 212 -24.87 -29.57 -8.93
N VAL B 213 -24.43 -28.92 -7.86
CA VAL B 213 -24.67 -29.38 -6.50
C VAL B 213 -25.45 -28.31 -5.74
N CYS B 214 -26.49 -28.72 -5.02
CA CYS B 214 -27.29 -27.76 -4.27
C CYS B 214 -26.80 -27.61 -2.83
N GLY B 215 -26.40 -26.39 -2.49
CA GLY B 215 -25.91 -26.09 -1.15
C GLY B 215 -24.45 -25.69 -1.10
N ASN B 216 -23.86 -25.48 -2.27
CA ASN B 216 -22.45 -25.12 -2.35
C ASN B 216 -22.25 -23.61 -2.55
N GLU B 217 -23.34 -22.86 -2.42
CA GLU B 217 -23.33 -21.40 -2.56
C GLU B 217 -22.94 -20.86 -3.93
N LEU B 218 -23.07 -21.70 -4.95
CA LEU B 218 -22.77 -21.33 -6.33
C LEU B 218 -24.00 -21.59 -7.19
N LEU B 219 -24.57 -20.54 -7.77
CA LEU B 219 -25.76 -20.66 -8.60
C LEU B 219 -25.44 -21.47 -9.84
N GLU B 220 -25.96 -22.69 -9.91
CA GLU B 220 -25.68 -23.55 -11.04
C GLU B 220 -26.93 -23.90 -11.86
N VAL B 221 -26.70 -24.38 -13.07
CA VAL B 221 -27.77 -24.77 -13.99
C VAL B 221 -28.76 -25.71 -13.33
N GLY B 222 -30.04 -25.37 -13.41
CA GLY B 222 -31.07 -26.21 -12.81
C GLY B 222 -31.39 -25.84 -11.38
N GLU B 223 -30.84 -24.72 -10.91
CA GLU B 223 -31.09 -24.24 -9.55
C GLU B 223 -31.71 -22.85 -9.65
N GLU B 224 -32.61 -22.52 -8.73
CA GLU B 224 -33.24 -21.21 -8.73
C GLU B 224 -32.38 -20.26 -7.90
N CYS B 225 -31.78 -20.82 -6.86
CA CYS B 225 -30.93 -20.06 -5.95
C CYS B 225 -30.14 -21.03 -5.07
N ASP B 226 -29.12 -20.50 -4.40
CA ASP B 226 -28.31 -21.32 -3.51
C ASP B 226 -27.75 -20.42 -2.43
N CYS B 227 -28.18 -20.64 -1.19
CA CYS B 227 -27.71 -19.82 -0.09
C CYS B 227 -26.84 -20.61 0.90
N GLY B 228 -26.49 -21.83 0.52
CA GLY B 228 -25.64 -22.67 1.36
C GLY B 228 -26.41 -23.72 2.13
N THR B 229 -25.77 -24.28 3.16
CA THR B 229 -26.43 -25.29 3.97
C THR B 229 -27.64 -24.64 4.62
N PRO B 230 -28.65 -25.43 4.98
CA PRO B 230 -29.84 -24.85 5.60
C PRO B 230 -29.47 -24.02 6.83
N GLU B 231 -28.31 -24.35 7.41
CA GLU B 231 -27.80 -23.67 8.60
C GLU B 231 -27.30 -22.25 8.33
N ASN B 232 -26.30 -22.14 7.46
CA ASN B 232 -25.68 -20.86 7.13
C ASN B 232 -26.47 -19.99 6.16
N CYS B 233 -27.61 -20.50 5.69
CA CYS B 233 -28.43 -19.74 4.75
C CYS B 233 -29.01 -18.49 5.39
N GLN B 234 -28.71 -17.33 4.80
CA GLN B 234 -29.21 -16.06 5.30
C GLN B 234 -29.93 -15.31 4.19
N ASN B 235 -30.66 -16.06 3.38
CA ASN B 235 -31.43 -15.49 2.28
C ASN B 235 -32.82 -16.07 2.40
N GLU B 236 -33.78 -15.25 2.79
CA GLU B 236 -35.14 -15.72 2.96
C GLU B 236 -35.98 -15.71 1.69
N CYS B 237 -35.32 -15.78 0.54
CA CYS B 237 -36.03 -15.81 -0.74
C CYS B 237 -35.83 -17.22 -1.26
N CYS B 238 -34.98 -17.97 -0.57
CA CYS B 238 -34.65 -19.32 -1.00
C CYS B 238 -34.82 -20.39 0.07
N ASP B 239 -35.17 -21.59 -0.37
CA ASP B 239 -35.33 -22.72 0.52
C ASP B 239 -34.03 -23.53 0.42
N ALA B 240 -33.00 -23.04 1.11
CA ALA B 240 -31.67 -23.65 1.12
C ALA B 240 -31.60 -25.14 0.81
N ALA B 241 -32.52 -25.91 1.39
CA ALA B 241 -32.52 -27.37 1.21
C ALA B 241 -33.02 -27.93 -0.12
N THR B 242 -33.31 -27.08 -1.11
CA THR B 242 -33.78 -27.57 -2.41
C THR B 242 -33.37 -26.65 -3.55
N CYS B 243 -32.79 -25.52 -3.20
CA CYS B 243 -32.36 -24.55 -4.22
C CYS B 243 -33.53 -24.09 -5.06
N LYS B 244 -34.69 -24.04 -4.40
CA LYS B 244 -35.93 -23.60 -5.00
C LYS B 244 -36.37 -22.37 -4.23
N LEU B 245 -37.01 -21.43 -4.92
CA LEU B 245 -37.48 -20.22 -4.27
C LEU B 245 -38.63 -20.48 -3.30
N LYS B 246 -39.02 -19.44 -2.59
CA LYS B 246 -40.12 -19.54 -1.63
C LYS B 246 -41.35 -18.90 -2.29
N SER B 247 -42.53 -19.31 -1.84
CA SER B 247 -43.77 -18.76 -2.40
C SER B 247 -43.72 -17.23 -2.32
N GLY B 248 -44.13 -16.57 -3.39
CA GLY B 248 -44.14 -15.11 -3.39
C GLY B 248 -42.93 -14.46 -4.01
N SER B 249 -41.76 -14.98 -3.71
CA SER B 249 -40.52 -14.43 -4.24
C SER B 249 -40.27 -14.78 -5.71
N GLN B 250 -40.00 -13.76 -6.51
CA GLN B 250 -39.72 -13.95 -7.93
C GLN B 250 -38.30 -14.48 -8.13
N CYS B 251 -37.35 -13.89 -7.39
CA CYS B 251 -35.94 -14.27 -7.50
C CYS B 251 -35.29 -14.45 -6.13
N GLY B 252 -34.06 -14.95 -6.15
CA GLY B 252 -33.31 -15.17 -4.92
C GLY B 252 -31.82 -15.03 -5.19
N HIS B 253 -31.50 -14.26 -6.22
CA HIS B 253 -30.13 -14.03 -6.65
C HIS B 253 -30.12 -12.99 -7.76
N GLY B 254 -28.97 -12.35 -7.98
CA GLY B 254 -28.85 -11.36 -9.03
C GLY B 254 -28.67 -9.94 -8.53
N ASP B 255 -28.20 -9.06 -9.42
CA ASP B 255 -28.00 -7.66 -9.07
C ASP B 255 -29.29 -6.89 -9.30
N CYS B 256 -30.33 -7.60 -9.74
CA CYS B 256 -31.63 -7.00 -9.98
C CYS B 256 -32.71 -7.65 -9.13
N CYS B 257 -32.31 -8.19 -7.99
CA CYS B 257 -33.24 -8.82 -7.08
C CYS B 257 -33.20 -8.12 -5.73
N GLU B 258 -34.13 -7.18 -5.53
CA GLU B 258 -34.22 -6.45 -4.27
C GLU B 258 -35.34 -7.03 -3.40
N GLN B 259 -34.93 -7.77 -2.38
CA GLN B 259 -35.84 -8.44 -1.46
C GLN B 259 -36.84 -9.34 -2.17
N CYS B 260 -36.30 -10.41 -2.76
CA CYS B 260 -37.08 -11.41 -3.47
C CYS B 260 -37.90 -10.92 -4.65
N LYS B 261 -37.79 -9.65 -5.00
CA LYS B 261 -38.54 -9.12 -6.14
C LYS B 261 -37.65 -8.58 -7.24
N PHE B 262 -38.11 -8.72 -8.48
CA PHE B 262 -37.34 -8.24 -9.62
C PHE B 262 -37.22 -6.74 -9.48
N SER B 263 -35.99 -6.23 -9.47
CA SER B 263 -35.79 -4.80 -9.37
C SER B 263 -36.62 -4.20 -10.50
N LYS B 264 -37.00 -2.93 -10.38
CA LYS B 264 -37.81 -2.30 -11.41
C LYS B 264 -37.03 -1.73 -12.58
N SER B 265 -37.60 -1.84 -13.78
CA SER B 265 -36.98 -1.34 -15.00
C SER B 265 -36.36 0.03 -14.85
N GLY B 266 -35.17 0.21 -15.41
CA GLY B 266 -34.50 1.50 -15.35
C GLY B 266 -33.46 1.68 -14.26
N THR B 267 -33.64 1.03 -13.12
CA THR B 267 -32.67 1.18 -12.04
C THR B 267 -31.29 0.78 -12.52
N GLU B 268 -30.27 1.12 -11.74
CA GLU B 268 -28.90 0.83 -12.09
C GLU B 268 -28.36 -0.37 -11.34
N CYS B 269 -27.73 -1.29 -12.07
CA CYS B 269 -27.15 -2.47 -11.46
C CYS B 269 -25.63 -2.57 -11.67
N ARG B 270 -25.11 -1.87 -12.67
CA ARG B 270 -23.66 -1.84 -12.92
C ARG B 270 -23.26 -0.43 -13.33
N ALA B 271 -22.85 0.35 -12.32
CA ALA B 271 -22.43 1.73 -12.53
C ALA B 271 -21.30 1.89 -13.53
N SER B 272 -21.29 3.03 -14.20
CA SER B 272 -20.27 3.35 -15.19
C SER B 272 -18.92 3.64 -14.52
N MET B 273 -17.81 3.23 -15.14
CA MET B 273 -16.50 3.48 -14.56
C MET B 273 -15.77 4.59 -15.33
N SER B 274 -16.42 5.10 -16.37
CA SER B 274 -15.87 6.17 -17.19
C SER B 274 -16.87 6.43 -18.29
N GLU B 275 -16.73 7.54 -19.01
CA GLU B 275 -17.69 7.80 -20.07
C GLU B 275 -17.64 6.73 -21.15
N CYS B 276 -16.54 6.00 -21.21
CA CYS B 276 -16.42 4.92 -22.20
C CYS B 276 -17.16 3.67 -21.75
N ASP B 277 -17.74 3.72 -20.56
CA ASP B 277 -18.47 2.57 -19.99
C ASP B 277 -19.91 2.88 -19.61
N PRO B 278 -20.87 2.68 -20.53
CA PRO B 278 -22.25 2.98 -20.13
C PRO B 278 -22.69 2.04 -19.01
N ALA B 279 -23.63 2.50 -18.19
CA ALA B 279 -24.12 1.68 -17.10
C ALA B 279 -25.24 0.76 -17.56
N GLU B 280 -25.29 -0.43 -16.96
CA GLU B 280 -26.32 -1.39 -17.29
C GLU B 280 -27.49 -1.20 -16.33
N HIS B 281 -28.71 -1.26 -16.87
CA HIS B 281 -29.91 -1.09 -16.06
C HIS B 281 -30.79 -2.34 -16.10
N CYS B 282 -31.40 -2.67 -14.96
CA CYS B 282 -32.28 -3.81 -14.87
C CYS B 282 -33.42 -3.54 -15.84
N THR B 283 -33.95 -4.59 -16.45
CA THR B 283 -35.03 -4.44 -17.40
C THR B 283 -36.33 -4.91 -16.77
N GLY B 284 -36.26 -5.27 -15.50
CA GLY B 284 -37.45 -5.80 -14.84
C GLY B 284 -37.61 -7.14 -15.52
N GLN B 285 -38.57 -7.93 -15.09
CA GLN B 285 -38.76 -9.24 -15.72
C GLN B 285 -37.53 -10.13 -15.58
N SER B 286 -36.47 -9.61 -14.96
CA SER B 286 -35.25 -10.39 -14.77
C SER B 286 -34.42 -9.92 -13.58
N SER B 287 -33.93 -10.89 -12.81
CA SER B 287 -33.12 -10.60 -11.65
C SER B 287 -31.64 -10.43 -11.99
N GLU B 288 -31.27 -10.80 -13.22
CA GLU B 288 -29.87 -10.70 -13.64
C GLU B 288 -29.54 -9.46 -14.44
N CYS B 289 -28.53 -8.73 -14.00
CA CYS B 289 -28.08 -7.51 -14.65
C CYS B 289 -27.55 -7.87 -16.04
N PRO B 290 -27.93 -7.11 -17.07
CA PRO B 290 -27.45 -7.41 -18.42
C PRO B 290 -25.91 -7.42 -18.49
N ALA B 291 -25.37 -8.09 -19.50
CA ALA B 291 -23.92 -8.18 -19.65
C ALA B 291 -23.26 -6.81 -19.72
N ASP B 292 -22.12 -6.67 -19.06
CA ASP B 292 -21.38 -5.43 -19.03
C ASP B 292 -20.87 -5.03 -20.42
N VAL B 293 -21.44 -3.97 -20.99
CA VAL B 293 -21.03 -3.51 -22.29
C VAL B 293 -20.31 -2.17 -22.22
N PHE B 294 -19.36 -1.95 -23.13
CA PHE B 294 -18.60 -0.70 -23.19
C PHE B 294 -18.84 -0.03 -24.52
N HIS B 295 -18.21 1.13 -24.69
CA HIS B 295 -18.29 1.84 -25.95
C HIS B 295 -17.31 1.02 -26.79
N LYS B 296 -17.25 1.28 -28.08
CA LYS B 296 -16.32 0.53 -28.92
C LYS B 296 -14.95 1.20 -28.87
N ASN B 297 -13.90 0.40 -28.84
CA ASN B 297 -12.55 0.95 -28.83
C ASN B 297 -12.40 1.91 -30.00
N GLY B 298 -11.81 3.09 -29.75
CA GLY B 298 -11.62 4.07 -30.81
C GLY B 298 -12.53 5.29 -30.73
N GLN B 299 -13.68 5.16 -30.08
CA GLN B 299 -14.57 6.31 -29.98
C GLN B 299 -13.94 7.37 -29.12
N PRO B 300 -13.82 8.60 -29.64
CA PRO B 300 -13.21 9.67 -28.85
C PRO B 300 -13.89 9.82 -27.50
N CYS B 301 -13.12 10.22 -26.50
CA CYS B 301 -13.65 10.41 -25.16
C CYS B 301 -12.90 11.49 -24.42
N LEU B 302 -13.35 11.78 -23.21
CA LEU B 302 -12.71 12.81 -22.41
C LEU B 302 -12.42 14.05 -23.26
N ASP B 303 -13.49 14.67 -23.77
CA ASP B 303 -13.37 15.89 -24.56
C ASP B 303 -12.34 15.82 -25.70
N ASN B 304 -12.26 14.68 -26.37
CA ASN B 304 -11.32 14.52 -27.48
C ASN B 304 -9.83 14.63 -27.10
N TYR B 305 -9.47 14.01 -25.99
CA TYR B 305 -8.08 14.00 -25.54
C TYR B 305 -7.64 12.54 -25.45
N GLY B 306 -8.59 11.65 -25.78
CA GLY B 306 -8.35 10.22 -25.74
C GLY B 306 -9.41 9.42 -26.47
N TYR B 307 -9.07 8.18 -26.81
CA TYR B 307 -9.97 7.26 -27.50
C TYR B 307 -10.29 6.10 -26.58
N CYS B 308 -11.55 5.69 -26.55
CA CYS B 308 -11.93 4.60 -25.67
C CYS B 308 -11.12 3.32 -25.86
N TYR B 309 -10.94 2.60 -24.77
CA TYR B 309 -10.21 1.34 -24.79
C TYR B 309 -10.73 0.45 -23.67
N ASN B 310 -11.37 -0.65 -24.05
CA ASN B 310 -11.90 -1.59 -23.08
C ASN B 310 -12.63 -0.99 -21.88
N GLY B 311 -13.48 0.01 -22.13
CA GLY B 311 -14.24 0.60 -21.04
C GLY B 311 -13.64 1.81 -20.37
N ASN B 312 -12.40 2.15 -20.72
CA ASN B 312 -11.76 3.31 -20.13
C ASN B 312 -11.29 4.26 -21.21
N CYS B 313 -10.91 5.46 -20.79
CA CYS B 313 -10.41 6.46 -21.72
C CYS B 313 -8.99 6.82 -21.32
N PRO B 314 -8.05 5.87 -21.47
CA PRO B 314 -6.65 6.09 -21.13
C PRO B 314 -5.99 7.29 -21.80
N ILE B 315 -5.51 8.21 -20.98
CA ILE B 315 -4.83 9.38 -21.49
C ILE B 315 -3.60 9.60 -20.62
N MET B 316 -2.56 10.17 -21.21
CA MET B 316 -1.32 10.39 -20.50
C MET B 316 -1.39 11.33 -19.32
N TYR B 317 -2.32 12.27 -19.33
CA TYR B 317 -2.43 13.20 -18.23
C TYR B 317 -2.85 12.47 -16.95
N HIS B 318 -3.86 11.62 -17.07
CA HIS B 318 -4.36 10.88 -15.93
C HIS B 318 -3.35 9.86 -15.44
N GLN B 319 -2.63 9.24 -16.36
CA GLN B 319 -1.63 8.26 -15.97
C GLN B 319 -0.57 8.98 -15.14
N CYS B 320 -0.16 10.17 -15.57
CA CYS B 320 0.83 10.92 -14.80
C CYS B 320 0.27 11.20 -13.43
N TYR B 321 -0.96 11.69 -13.40
CA TYR B 321 -1.62 11.97 -12.13
C TYR B 321 -1.66 10.74 -11.22
N ASP B 322 -2.11 9.60 -11.73
CA ASP B 322 -2.18 8.39 -10.90
C ASP B 322 -0.82 8.01 -10.34
N LEU B 323 0.24 8.31 -11.09
CA LEU B 323 1.60 7.99 -10.67
C LEU B 323 2.23 9.01 -9.71
N PHE B 324 2.02 10.30 -9.96
CA PHE B 324 2.65 11.31 -9.11
C PHE B 324 1.77 12.39 -8.47
N GLY B 325 0.46 12.32 -8.66
CA GLY B 325 -0.40 13.33 -8.05
C GLY B 325 -0.54 14.63 -8.81
N ALA B 326 -1.12 15.62 -8.14
CA ALA B 326 -1.38 16.94 -8.69
C ALA B 326 -0.19 17.70 -9.30
N ASP B 327 -0.54 18.62 -10.20
CA ASP B 327 0.45 19.46 -10.89
C ASP B 327 1.51 18.71 -11.67
N VAL B 328 1.13 17.55 -12.21
CA VAL B 328 2.05 16.74 -13.00
C VAL B 328 1.37 16.45 -14.33
N TYR B 329 2.05 16.75 -15.43
CA TYR B 329 1.47 16.55 -16.75
C TYR B 329 2.39 15.84 -17.73
N GLU B 330 1.83 15.49 -18.89
CA GLU B 330 2.58 14.81 -19.94
C GLU B 330 3.85 15.57 -20.30
N ALA B 331 4.98 14.87 -20.21
CA ALA B 331 6.27 15.47 -20.52
C ALA B 331 6.28 15.96 -21.96
N GLU B 332 7.30 16.73 -22.32
CA GLU B 332 7.42 17.23 -23.68
C GLU B 332 8.01 16.10 -24.51
N ASP B 333 7.62 16.04 -25.79
CA ASP B 333 8.10 15.02 -26.72
C ASP B 333 9.55 14.59 -26.48
N SER B 334 10.47 15.54 -26.56
CA SER B 334 11.88 15.25 -26.36
C SER B 334 12.15 14.23 -25.25
N CYS B 335 11.50 14.39 -24.10
CA CYS B 335 11.66 13.47 -22.97
C CYS B 335 11.52 12.00 -23.36
N PHE B 336 10.56 11.72 -24.25
CA PHE B 336 10.29 10.36 -24.68
C PHE B 336 11.39 9.72 -25.53
N GLU B 337 12.26 10.54 -26.12
CA GLU B 337 13.33 10.00 -26.93
C GLU B 337 14.15 9.01 -26.09
N ARG B 338 14.09 9.16 -24.76
CA ARG B 338 14.82 8.25 -23.87
C ARG B 338 14.40 6.80 -24.12
N ASN B 339 13.18 6.61 -24.61
CA ASN B 339 12.71 5.25 -24.87
C ASN B 339 13.45 4.57 -26.02
N GLN B 340 14.21 5.34 -26.79
CA GLN B 340 14.97 4.77 -27.90
C GLN B 340 16.20 4.03 -27.37
N LYS B 341 16.62 4.37 -26.15
CA LYS B 341 17.78 3.76 -25.53
C LYS B 341 17.74 2.24 -25.40
N GLY B 342 16.61 1.72 -24.94
CA GLY B 342 16.52 0.28 -24.75
C GLY B 342 17.30 -0.12 -23.50
N ASN B 343 17.39 0.80 -22.54
CA ASN B 343 18.11 0.53 -21.31
C ASN B 343 17.13 -0.09 -20.30
N TYR B 344 17.48 -0.07 -19.02
CA TYR B 344 16.62 -0.69 -18.01
C TYR B 344 15.22 -0.10 -17.88
N TYR B 345 15.03 1.16 -18.24
CA TYR B 345 13.70 1.78 -18.13
C TYR B 345 13.14 2.33 -19.44
N GLY B 346 14.02 2.59 -20.41
CA GLY B 346 13.58 3.14 -21.69
C GLY B 346 13.52 2.11 -22.79
N TYR B 347 12.30 1.79 -23.22
CA TYR B 347 12.08 0.79 -24.26
C TYR B 347 10.59 0.73 -24.54
N CYS B 348 10.18 -0.10 -25.50
CA CYS B 348 8.77 -0.21 -25.84
C CYS B 348 8.10 -1.51 -25.43
N ARG B 349 8.87 -2.58 -25.35
CA ARG B 349 8.30 -3.87 -24.96
C ARG B 349 9.36 -4.94 -24.86
N LYS B 350 8.98 -6.09 -24.31
CA LYS B 350 9.90 -7.21 -24.16
C LYS B 350 9.46 -8.37 -25.06
N GLU B 351 10.44 -9.12 -25.54
CA GLU B 351 10.17 -10.27 -26.41
C GLU B 351 10.75 -11.48 -25.69
N ASN B 352 12.00 -11.80 -26.01
CA ASN B 352 12.68 -12.92 -25.37
C ASN B 352 13.11 -12.44 -24.00
N GLY B 353 12.21 -11.74 -23.32
CA GLY B 353 12.50 -11.21 -21.99
C GLY B 353 13.43 -10.02 -22.14
N ASN B 354 13.82 -9.74 -23.38
CA ASN B 354 14.71 -8.63 -23.68
C ASN B 354 13.93 -7.34 -23.94
N LYS B 355 14.52 -6.22 -23.54
CA LYS B 355 13.87 -4.93 -23.74
C LYS B 355 14.18 -4.41 -25.13
N ILE B 356 13.12 -4.15 -25.89
CA ILE B 356 13.26 -3.66 -27.25
C ILE B 356 13.09 -2.16 -27.30
N PRO B 357 14.12 -1.45 -27.77
CA PRO B 357 14.07 0.01 -27.88
C PRO B 357 12.95 0.44 -28.84
N CYS B 358 12.23 1.49 -28.49
CA CYS B 358 11.15 1.97 -29.33
C CYS B 358 11.71 2.49 -30.63
N ALA B 359 10.95 2.31 -31.70
CA ALA B 359 11.35 2.84 -32.99
C ALA B 359 11.08 4.33 -32.80
N PRO B 360 11.74 5.19 -33.58
CA PRO B 360 11.53 6.63 -33.45
C PRO B 360 10.06 7.05 -33.44
N GLU B 361 9.22 6.33 -34.17
CA GLU B 361 7.80 6.66 -34.24
C GLU B 361 6.96 6.13 -33.09
N ASP B 362 7.51 5.20 -32.32
CA ASP B 362 6.77 4.60 -31.20
C ASP B 362 7.23 5.11 -29.84
N VAL B 363 8.12 6.08 -29.86
CA VAL B 363 8.67 6.65 -28.65
C VAL B 363 7.64 6.99 -27.57
N LYS B 364 6.45 7.42 -27.99
CA LYS B 364 5.38 7.78 -27.07
C LYS B 364 4.61 6.63 -26.47
N CYS B 365 4.97 5.40 -26.83
CA CYS B 365 4.29 4.23 -26.33
C CYS B 365 5.17 3.34 -25.46
N GLY B 366 6.33 3.86 -25.06
CA GLY B 366 7.22 3.10 -24.20
C GLY B 366 7.04 3.54 -22.76
N ARG B 367 8.13 3.91 -22.10
CA ARG B 367 8.07 4.37 -20.73
C ARG B 367 7.40 5.75 -20.71
N LEU B 368 6.46 5.97 -19.79
CA LEU B 368 5.76 7.26 -19.70
C LEU B 368 6.64 8.31 -19.03
N TYR B 369 6.59 9.55 -19.52
CA TYR B 369 7.36 10.64 -18.90
C TYR B 369 6.41 11.76 -18.55
N CYS B 370 6.69 12.47 -17.45
CA CYS B 370 5.80 13.54 -17.02
C CYS B 370 6.50 14.81 -16.58
N LYS B 371 5.80 15.92 -16.77
CA LYS B 371 6.27 17.25 -16.39
C LYS B 371 5.86 17.38 -14.91
N ASP B 372 6.84 17.47 -14.02
CA ASP B 372 6.54 17.59 -12.59
C ASP B 372 6.61 19.04 -12.14
N ASN B 373 5.44 19.65 -11.99
CA ASN B 373 5.34 21.05 -11.56
C ASN B 373 4.80 21.18 -10.14
N SER B 374 4.78 20.08 -9.38
CA SER B 374 4.30 20.13 -8.01
C SER B 374 5.29 20.94 -7.18
N PRO B 375 4.86 21.41 -6.00
CA PRO B 375 5.69 22.20 -5.09
C PRO B 375 7.17 21.84 -4.99
N GLY B 376 8.01 22.85 -5.17
CA GLY B 376 9.45 22.70 -5.06
C GLY B 376 10.14 21.73 -6.00
N GLN B 377 9.39 21.13 -6.90
CA GLN B 377 10.00 20.18 -7.81
C GLN B 377 10.46 20.81 -9.12
N ASN B 378 11.38 20.14 -9.80
CA ASN B 378 11.90 20.63 -11.07
C ASN B 378 12.42 19.45 -11.88
N ASN B 379 11.52 18.53 -12.23
CA ASN B 379 11.90 17.35 -13.00
C ASN B 379 11.06 17.33 -14.26
N PRO B 380 11.62 17.79 -15.40
CA PRO B 380 10.94 17.84 -16.70
C PRO B 380 10.51 16.48 -17.26
N CYS B 381 11.32 15.46 -17.00
CA CYS B 381 11.03 14.11 -17.48
C CYS B 381 10.94 13.08 -16.35
N LYS B 382 9.93 13.21 -15.50
CA LYS B 382 9.77 12.26 -14.40
C LYS B 382 9.18 10.97 -14.94
N MET B 383 9.80 9.87 -14.54
CA MET B 383 9.40 8.54 -14.98
C MET B 383 9.37 7.59 -13.79
N PHE B 384 8.48 6.61 -13.81
CA PHE B 384 8.41 5.65 -12.71
C PHE B 384 8.96 4.29 -13.13
N TYR B 385 9.94 3.81 -12.39
CA TYR B 385 10.53 2.50 -12.66
C TYR B 385 10.84 1.72 -11.39
N SER B 386 10.39 0.46 -11.33
CA SER B 386 10.66 -0.39 -10.19
C SER B 386 10.88 -1.82 -10.67
N ASN B 387 11.98 -2.45 -10.29
CA ASN B 387 12.20 -3.80 -10.76
C ASN B 387 11.25 -4.79 -10.08
N GLU B 388 10.38 -4.27 -9.23
CA GLU B 388 9.38 -5.12 -8.59
C GLU B 388 8.38 -5.46 -9.70
N ASP B 389 8.08 -4.47 -10.52
CA ASP B 389 7.18 -4.64 -11.66
C ASP B 389 7.56 -3.59 -12.70
N GLU B 390 8.37 -4.00 -13.67
CA GLU B 390 8.86 -3.08 -14.69
C GLU B 390 7.81 -2.50 -15.63
N HIS B 391 6.65 -3.14 -15.67
CA HIS B 391 5.57 -2.68 -16.52
C HIS B 391 4.93 -1.41 -15.95
N LYS B 392 4.88 -1.31 -14.62
CA LYS B 392 4.28 -0.15 -13.99
C LYS B 392 5.04 1.10 -14.41
N GLY B 393 4.30 2.08 -14.93
CA GLY B 393 4.93 3.31 -15.37
C GLY B 393 5.05 3.36 -16.88
N MET B 394 4.70 2.27 -17.55
CA MET B 394 4.74 2.22 -19.01
C MET B 394 3.42 2.77 -19.51
N VAL B 395 3.45 3.46 -20.65
CA VAL B 395 2.23 4.01 -21.22
C VAL B 395 1.24 2.87 -21.43
N LEU B 396 0.00 3.06 -20.99
CA LEU B 396 -1.02 2.02 -21.11
C LEU B 396 -1.44 1.76 -22.54
N PRO B 397 -1.86 0.52 -22.83
CA PRO B 397 -2.27 0.27 -24.21
C PRO B 397 -3.56 1.06 -24.49
N GLY B 398 -3.74 1.51 -25.73
CA GLY B 398 -4.93 2.27 -26.07
C GLY B 398 -4.85 3.76 -25.76
N THR B 399 -3.68 4.22 -25.31
CA THR B 399 -3.49 5.63 -25.00
C THR B 399 -3.21 6.47 -26.23
N LYS B 400 -3.81 7.65 -26.27
CA LYS B 400 -3.62 8.59 -27.37
C LYS B 400 -2.13 8.98 -27.37
N CYS B 401 -1.41 8.60 -28.42
CA CYS B 401 0.03 8.91 -28.49
C CYS B 401 0.34 10.04 -29.46
N ALA B 402 -0.70 10.55 -30.11
CA ALA B 402 -0.59 11.65 -31.07
C ALA B 402 -1.98 11.89 -31.62
N ASP B 403 -2.12 12.88 -32.48
CA ASP B 403 -3.41 13.18 -33.07
C ASP B 403 -3.83 12.02 -34.00
N GLY B 404 -5.00 11.44 -33.73
CA GLY B 404 -5.48 10.34 -34.54
C GLY B 404 -4.64 9.07 -34.39
N LYS B 405 -3.91 8.98 -33.29
CA LYS B 405 -3.07 7.80 -33.06
C LYS B 405 -3.21 7.23 -31.64
N VAL B 406 -3.03 5.92 -31.54
CA VAL B 406 -3.18 5.26 -30.25
C VAL B 406 -2.09 4.20 -30.09
N CYS B 407 -1.73 3.89 -28.85
CA CYS B 407 -0.72 2.87 -28.61
C CYS B 407 -1.35 1.48 -28.60
N SER B 408 -0.75 0.58 -29.36
CA SER B 408 -1.20 -0.81 -29.48
C SER B 408 0.04 -1.70 -29.55
N ASN B 409 0.25 -2.51 -28.52
CA ASN B 409 1.40 -3.40 -28.43
C ASN B 409 2.70 -2.63 -28.62
N GLY B 410 2.83 -1.51 -27.92
CA GLY B 410 4.05 -0.72 -28.01
C GLY B 410 4.23 0.07 -29.29
N HIS B 411 3.17 0.21 -30.07
CA HIS B 411 3.27 0.96 -31.31
C HIS B 411 2.26 2.09 -31.34
N CYS B 412 2.66 3.22 -31.89
CA CYS B 412 1.79 4.37 -32.02
C CYS B 412 1.26 4.29 -33.44
N VAL B 413 0.03 3.79 -33.58
CA VAL B 413 -0.60 3.60 -34.88
C VAL B 413 -1.89 4.41 -35.00
N ASP B 414 -2.43 4.49 -36.22
CA ASP B 414 -3.66 5.26 -36.43
C ASP B 414 -4.85 4.60 -35.78
N VAL B 415 -5.63 5.39 -35.03
CA VAL B 415 -6.83 4.88 -34.33
C VAL B 415 -7.74 4.20 -35.33
N ALA B 416 -7.90 4.82 -36.50
CA ALA B 416 -8.75 4.30 -37.55
C ALA B 416 -8.47 2.85 -37.90
N THR B 417 -7.23 2.42 -37.69
CA THR B 417 -6.83 1.05 -38.01
C THR B 417 -6.43 0.22 -36.78
N ALA B 418 -6.43 0.86 -35.62
CA ALA B 418 -6.07 0.18 -34.37
C ALA B 418 -7.03 -0.93 -33.97
N TYR B 419 -8.31 -0.79 -34.34
CA TYR B 419 -9.32 -1.78 -33.98
C TYR B 419 -10.20 -2.24 -35.13
C1 NAG C . -18.96 15.23 1.14
C2 NAG C . -18.81 13.94 0.32
C3 NAG C . -19.63 14.03 -0.96
C4 NAG C . -21.06 14.17 -0.51
C5 NAG C . -21.22 15.52 0.22
C6 NAG C . -22.63 15.77 0.72
C7 NAG C . -16.90 12.46 0.26
C8 NAG C . -16.32 11.72 -0.94
N2 NAG C . -17.42 13.67 0.03
O3 NAG C . -19.46 12.84 -1.72
O4 NAG C . -22.00 13.92 -1.61
O5 NAG C . -20.36 15.52 1.39
O6 NAG C . -22.68 16.97 1.53
O7 NAG C . -16.90 11.94 1.37
C1 NAG C . -22.56 14.85 -2.48
C2 NAG C . -23.03 14.02 -3.71
C3 NAG C . -24.23 14.58 -4.50
C4 NAG C . -25.29 14.95 -3.48
C5 NAG C . -24.69 16.06 -2.61
C6 NAG C . -25.68 16.73 -1.69
C7 NAG C . -21.23 12.67 -4.58
C8 NAG C . -19.72 12.78 -4.66
N2 NAG C . -21.93 13.80 -4.64
O3 NAG C . -24.74 13.58 -5.37
O4 NAG C . -26.55 15.34 -4.09
O5 NAG C . -23.66 15.47 -1.77
O6 NAG C . -25.03 17.34 -0.59
O7 NAG C . -21.77 11.56 -4.48
C1 MAN C . -26.62 16.24 -5.14
C2 MAN C . -27.94 17.05 -5.08
C3 MAN C . -29.15 16.13 -5.29
C4 MAN C . -28.99 15.34 -6.60
C5 MAN C . -27.65 14.59 -6.59
C6 MAN C . -27.37 13.83 -7.88
O2 MAN C . -27.93 18.06 -6.07
O3 MAN C . -30.36 16.90 -5.33
O4 MAN C . -30.08 14.41 -6.73
O5 MAN C . -26.54 15.51 -6.39
O6 MAN C . -27.32 14.73 -9.00
C1 NAG D . -3.66 -15.91 15.42
C2 NAG D . -3.18 -14.48 15.57
C3 NAG D . -2.21 -14.50 16.74
C4 NAG D . -2.84 -15.11 18.02
C5 NAG D . -3.77 -16.33 17.77
C6 NAG D . -4.78 -16.42 18.88
C7 NAG D . -2.50 -12.75 14.04
C8 NAG D . -1.18 -12.02 14.20
N2 NAG D . -2.53 -14.04 14.36
O3 NAG D . -1.78 -13.18 17.03
O4 NAG D . -1.77 -15.57 18.88
O5 NAG D . -4.52 -16.22 16.52
O6 NAG D . -4.55 -17.61 19.63
O7 NAG D . -3.50 -12.14 13.65
C1 NAG D . -1.31 -14.72 19.88
C2 NAG D . -0.95 -15.56 21.12
C3 NAG D . -0.22 -14.72 22.18
C4 NAG D . 0.95 -13.94 21.57
C5 NAG D . 0.44 -13.14 20.35
C6 NAG D . 1.53 -12.36 19.65
C7 NAG D . -2.16 -17.26 22.33
C8 NAG D . -2.00 -18.53 21.50
N2 NAG D . -2.18 -16.10 21.69
O3 NAG D . 0.27 -15.57 23.21
O4 NAG D . 1.49 -13.04 22.55
O5 NAG D . -0.15 -14.04 19.38
O6 NAG D . 1.13 -11.94 18.36
O7 NAG D . -2.28 -17.35 23.56
C1 BMA D . 2.69 -13.40 23.16
C2 BMA D . 3.83 -12.52 22.61
C3 BMA D . 5.14 -12.75 23.39
C4 BMA D . 4.89 -12.62 24.90
C5 BMA D . 3.72 -13.52 25.33
C6 BMA D . 3.38 -13.35 26.80
O2 BMA D . 3.47 -11.14 22.68
O3 BMA D . 6.13 -11.80 22.97
O4 BMA D . 6.09 -13.00 25.62
O5 BMA D . 2.54 -13.18 24.58
O6 BMA D . 2.28 -14.21 27.16
C1 FUC D . -5.67 -18.01 20.38
C2 FUC D . -6.77 -18.56 19.45
C3 FUC D . -6.33 -19.90 18.86
C4 FUC D . -5.86 -20.88 19.94
C5 FUC D . -4.83 -20.25 20.89
C6 FUC D . -4.61 -21.16 22.10
O2 FUC D . -7.03 -17.61 18.39
O3 FUC D . -7.45 -20.49 18.19
O4 FUC D . -6.96 -21.34 20.71
O5 FUC D . -5.34 -19.00 21.39
CA CA E . 6.62 13.85 17.23
CA CA F . -3.19 23.17 28.01
CA CA G . 12.36 0.56 25.82
ZN ZN H . -2.66 24.31 -1.55
OAG GM6 I . -0.47 25.22 -0.80
NAF GM6 I . -0.67 26.46 -1.31
CAD GM6 I . -1.40 26.63 -2.39
OAE GM6 I . -1.95 25.72 -3.01
CAC GM6 I . -1.53 28.09 -2.85
CAB GM6 I . -2.79 28.82 -2.33
CAK GM6 I . -2.76 30.26 -2.89
OAL GM6 I . -2.02 31.12 -2.41
NAM GM6 I . -3.58 30.45 -3.93
CAN GM6 I . -3.78 31.73 -4.65
CAY GM6 I . -4.44 32.79 -3.72
OAZ GM6 I . -5.42 32.49 -3.02
NBB GM6 I . -3.87 34.01 -3.75
CBA GM6 I . -4.40 35.09 -2.89
CAO GM6 I . -4.72 31.50 -5.84
CAP GM6 I . -4.11 30.44 -6.78
CAT GM6 I . -2.82 30.29 -7.14
NAU GM6 I . -2.66 29.25 -7.96
CAR GM6 I . -3.84 28.66 -8.18
CAV GM6 I . -4.25 27.55 -8.95
CAX GM6 I . -5.63 27.17 -8.98
CAW GM6 I . -6.57 27.94 -8.23
CAS GM6 I . -6.15 29.05 -7.46
CAQ GM6 I . -4.77 29.42 -7.43
CAA GM6 I . -2.82 28.84 -0.77
CAH GM6 I . -4.09 29.52 -0.19
CAJ GM6 I . -3.93 29.85 1.30
CAI GM6 I . -5.31 28.60 -0.36
ZN ZN J . 3.51 -23.99 0.62
CA CA K . -13.08 -14.61 -12.84
CA CA L . -25.18 -24.78 -6.38
CA CA M . -21.13 -1.03 -18.80
OAG GM6 N . 3.62 -24.78 -1.30
NAF GM6 N . 4.09 -26.04 -1.09
CAD GM6 N . 5.02 -26.27 -0.17
OAE GM6 N . 5.53 -25.41 0.55
CAC GM6 N . 5.45 -27.75 -0.05
CAB GM6 N . 4.63 -28.52 1.00
CAK GM6 N . 5.12 -29.98 1.08
OAL GM6 N . 4.71 -30.82 0.28
NAM GM6 N . 6.00 -30.22 2.05
CAN GM6 N . 6.61 -31.54 2.38
CAY GM6 N . 5.47 -32.47 2.88
OAZ GM6 N . 4.55 -32.03 3.59
NBB GM6 N . 5.58 -33.75 2.49
CBA GM6 N . 4.99 -34.81 3.34
CAO GM6 N . 7.62 -31.36 3.53
CAP GM6 N . 8.80 -30.48 3.06
CAT GM6 N . 8.81 -29.15 2.86
NAU GM6 N . 10.02 -28.74 2.45
CAR GM6 N . 10.86 -29.78 2.35
CAV GM6 N . 12.22 -29.92 1.97
CAX GM6 N . 12.81 -31.20 1.99
CAW GM6 N . 12.06 -32.34 2.37
CAS GM6 N . 10.71 -32.19 2.76
CAQ GM6 N . 10.08 -30.90 2.74
CAA GM6 N . 3.12 -28.46 0.64
CAH GM6 N . 2.22 -29.13 1.69
CAJ GM6 N . 0.85 -29.43 1.12
CAI GM6 N . 2.07 -28.22 2.92
#